data_8X7E
#
_entry.id   8X7E
#
_cell.length_a   90.450
_cell.length_b   79.200
_cell.length_c   97.240
_cell.angle_alpha   90.000
_cell.angle_beta   115.670
_cell.angle_gamma   90.000
#
_symmetry.space_group_name_H-M   'P 1 21 1'
#
loop_
_entity.id
_entity.type
_entity.pdbx_description
1 polymer 'Nuclear receptor ROR-gamma'
2 polymer 'Nuclear receptor corepressor 2'
3 non-polymer '(4~{S})-6-[(2-chloranyl-4-methyl-phenyl)amino]-4-[4-cyclopropyl-5-[3-(2,2-dimethylpropyl)cyclobutyl]-1,2-oxazol-3-yl]-6-oxidanylidene-hexanoic acid'
4 water water
#
loop_
_entity_poly.entity_id
_entity_poly.type
_entity_poly.pdbx_seq_one_letter_code
_entity_poly.pdbx_strand_id
1 'polypeptide(L)'
;EAPYASLTEIEHLVQSVCKSYRETCQLRLEDLLRQRSNIFSREEVTGYQRKSMWEMWERCAHHLTEAIQYVVEFAKRLSG
FMELCQNDQIVLLKAGAMEVVLVRMCRAYNADNRTVFFEGKYGGMELFRALGCSELISSIFDFSHSLSALHFSEDEIALY
TALVLINAHRPGLQEKRKVEQLQYNLELAFHHHLCKTHRQSILAKLPPAGKLASLCSQHVERLQIFQHLHPIVVQAAFPP
LYKELFSTETESPVGLSK
;
A,C,E,G
2 'polypeptide(L)' TNMGLEAIIRKALMGKYDQWEE B,D,F,H
#
loop_
_chem_comp.id
_chem_comp.type
_chem_comp.name
_chem_comp.formula
YAL non-polymer '(4~{S})-6-[(2-chloranyl-4-methyl-phenyl)amino]-4-[4-cyclopropyl-5-[3-(2,2-dimethylpropyl)cyclobutyl]-1,2-oxazol-3-yl]-6-oxidanylidene-hexanoic acid' 'C28 H37 Cl N2 O4'
#
# COMPACT_ATOMS: atom_id res chain seq x y z
N SER A 6 1.90 -51.27 -6.00
CA SER A 6 0.44 -51.21 -6.02
C SER A 6 -0.04 -49.90 -6.60
N LEU A 7 -1.28 -49.89 -7.12
CA LEU A 7 -1.79 -48.72 -7.84
C LEU A 7 -1.73 -47.47 -6.98
N THR A 8 -2.08 -47.57 -5.70
CA THR A 8 -2.11 -46.39 -4.84
C THR A 8 -0.72 -45.78 -4.71
N GLU A 9 0.32 -46.61 -4.58
CA GLU A 9 1.67 -46.09 -4.48
C GLU A 9 2.07 -45.35 -5.75
N ILE A 10 1.69 -45.87 -6.91
CA ILE A 10 2.04 -45.20 -8.16
C ILE A 10 1.26 -43.89 -8.30
N GLU A 11 -0.01 -43.88 -7.90
CA GLU A 11 -0.77 -42.63 -7.91
C GLU A 11 -0.12 -41.60 -6.97
N HIS A 12 0.37 -42.04 -5.82
CA HIS A 12 1.03 -41.13 -4.90
C HIS A 12 2.34 -40.61 -5.49
N LEU A 13 3.07 -41.47 -6.20
CA LEU A 13 4.31 -41.00 -6.84
C LEU A 13 4.02 -39.98 -7.92
N VAL A 14 2.97 -40.21 -8.71
CA VAL A 14 2.55 -39.22 -9.70
C VAL A 14 2.21 -37.90 -9.02
N GLN A 15 1.42 -37.96 -7.94
CA GLN A 15 1.07 -36.75 -7.21
C GLN A 15 2.31 -36.03 -6.71
N SER A 16 3.27 -36.77 -6.14
CA SER A 16 4.44 -36.14 -5.54
C SER A 16 5.33 -35.51 -6.59
N VAL A 17 5.55 -36.21 -7.71
CA VAL A 17 6.35 -35.62 -8.79
C VAL A 17 5.69 -34.35 -9.31
N CYS A 18 4.39 -34.41 -9.59
CA CYS A 18 3.70 -33.22 -10.10
C CYS A 18 3.73 -32.09 -9.09
N LYS A 19 3.63 -32.40 -7.81
CA LYS A 19 3.69 -31.38 -6.77
C LYS A 19 5.06 -30.71 -6.75
N SER A 20 6.13 -31.50 -6.75
CA SER A 20 7.47 -30.92 -6.79
C SER A 20 7.64 -30.04 -8.03
N TYR A 21 7.16 -30.50 -9.18
CA TYR A 21 7.30 -29.72 -10.40
C TYR A 21 6.59 -28.38 -10.26
N ARG A 22 5.33 -28.41 -9.81
CA ARG A 22 4.60 -27.16 -9.59
C ARG A 22 5.35 -26.25 -8.63
N GLU A 23 6.02 -26.83 -7.63
CA GLU A 23 6.75 -26.02 -6.68
C GLU A 23 7.97 -25.36 -7.31
N THR A 24 8.57 -26.00 -8.31
CA THR A 24 9.82 -25.51 -8.89
C THR A 24 9.66 -25.05 -10.34
N CYS A 25 8.43 -24.83 -10.80
CA CYS A 25 8.19 -24.52 -12.21
C CYS A 25 8.48 -23.05 -12.56
N GLN A 26 8.97 -22.25 -11.62
CA GLN A 26 9.48 -20.92 -11.93
C GLN A 26 8.34 -19.92 -12.11
N LEU A 27 7.46 -20.17 -13.09
CA LEU A 27 6.28 -19.34 -13.31
C LEU A 27 5.05 -20.22 -13.42
N ARG A 28 3.99 -19.85 -12.71
CA ARG A 28 2.74 -20.57 -12.81
C ARG A 28 2.15 -20.42 -14.21
N LEU A 29 1.66 -21.53 -14.76
CA LEU A 29 1.16 -21.50 -16.13
C LEU A 29 0.00 -20.51 -16.30
N GLU A 30 -0.83 -20.34 -15.27
CA GLU A 30 -1.95 -19.42 -15.40
C GLU A 30 -1.46 -18.00 -15.59
N ASP A 31 -0.37 -17.62 -14.91
CA ASP A 31 0.18 -16.28 -15.08
C ASP A 31 0.73 -16.09 -16.49
N LEU A 32 1.38 -17.12 -17.05
CA LEU A 32 1.84 -17.04 -18.43
C LEU A 32 0.68 -16.81 -19.38
N LEU A 33 -0.40 -17.58 -19.20
CA LEU A 33 -1.57 -17.43 -20.06
C LEU A 33 -2.21 -16.06 -19.90
N ARG A 34 -2.20 -15.52 -18.67
CA ARG A 34 -2.75 -14.19 -18.46
C ARG A 34 -1.92 -13.13 -19.16
N GLN A 35 -0.60 -13.23 -19.07
CA GLN A 35 0.26 -12.22 -19.70
C GLN A 35 0.29 -12.35 -21.21
N ARG A 36 -0.17 -13.47 -21.77
CA ARG A 36 -0.24 -13.61 -23.22
C ARG A 36 -0.78 -12.34 -23.91
N SER A 37 -1.70 -11.64 -23.26
CA SER A 37 -2.27 -10.43 -23.85
C SER A 37 -1.36 -9.20 -23.71
N ASN A 38 -0.30 -9.29 -22.93
CA ASN A 38 0.61 -8.16 -22.68
C ASN A 38 1.82 -8.33 -23.58
N ILE A 39 1.82 -7.63 -24.72
CA ILE A 39 2.79 -7.82 -25.77
C ILE A 39 3.67 -6.59 -25.89
N PHE A 40 4.95 -6.83 -26.21
CA PHE A 40 5.90 -5.73 -26.37
C PHE A 40 5.51 -4.85 -27.54
N SER A 41 5.59 -3.54 -27.33
CA SER A 41 5.36 -2.57 -28.39
C SER A 41 6.59 -2.46 -29.29
N ARG A 42 6.37 -1.87 -30.47
CA ARG A 42 7.48 -1.74 -31.43
C ARG A 42 8.65 -0.98 -30.82
N GLU A 43 8.37 0.03 -29.99
CA GLU A 43 9.44 0.76 -29.33
C GLU A 43 10.25 -0.15 -28.41
N GLU A 44 9.58 -1.03 -27.66
CA GLU A 44 10.30 -1.93 -26.76
C GLU A 44 11.10 -2.97 -27.54
N VAL A 45 10.54 -3.47 -28.65
CA VAL A 45 11.28 -4.41 -29.49
C VAL A 45 12.51 -3.73 -30.07
N THR A 46 12.36 -2.50 -30.56
CA THR A 46 13.51 -1.76 -31.05
C THR A 46 14.54 -1.55 -29.95
N GLY A 47 14.07 -1.31 -28.73
CA GLY A 47 14.99 -1.17 -27.61
C GLY A 47 15.83 -2.41 -27.38
N TYR A 48 15.18 -3.58 -27.39
CA TYR A 48 15.93 -4.82 -27.23
C TYR A 48 16.85 -5.07 -28.42
N GLN A 49 16.44 -4.67 -29.63
CA GLN A 49 17.28 -4.86 -30.81
C GLN A 49 18.46 -3.91 -30.84
N ARG A 50 18.37 -2.78 -30.13
CA ARG A 50 19.48 -1.82 -30.09
C ARG A 50 20.57 -2.23 -29.11
N LYS A 51 20.28 -3.12 -28.17
CA LYS A 51 21.28 -3.55 -27.22
C LYS A 51 22.46 -4.21 -27.94
N SER A 52 23.61 -4.20 -27.29
CA SER A 52 24.77 -4.90 -27.83
C SER A 52 24.56 -6.41 -27.77
N MET A 53 25.30 -7.13 -28.60
CA MET A 53 25.22 -8.59 -28.58
C MET A 53 25.59 -9.12 -27.20
N TRP A 54 26.58 -8.49 -26.55
CA TRP A 54 27.00 -8.97 -25.25
C TRP A 54 25.94 -8.71 -24.19
N GLU A 55 25.33 -7.52 -24.19
CA GLU A 55 24.27 -7.23 -23.22
C GLU A 55 23.14 -8.24 -23.32
N MET A 56 22.65 -8.47 -24.53
CA MET A 56 21.52 -9.38 -24.73
C MET A 56 21.89 -10.81 -24.37
N TRP A 57 23.08 -11.26 -24.79
CA TRP A 57 23.49 -12.61 -24.43
C TRP A 57 23.68 -12.75 -22.92
N GLU A 58 24.14 -11.69 -22.26
CA GLU A 58 24.31 -11.75 -20.81
C GLU A 58 22.97 -11.91 -20.11
N ARG A 59 21.96 -11.14 -20.54
CA ARG A 59 20.62 -11.31 -19.97
C ARG A 59 20.09 -12.71 -20.22
N CYS A 60 20.16 -13.18 -21.47
CA CYS A 60 19.64 -14.52 -21.78
C CYS A 60 20.36 -15.60 -20.97
N ALA A 61 21.68 -15.46 -20.80
CA ALA A 61 22.43 -16.44 -20.04
C ALA A 61 22.07 -16.41 -18.56
N HIS A 62 21.79 -15.22 -18.02
CA HIS A 62 21.31 -15.15 -16.64
C HIS A 62 19.97 -15.87 -16.50
N HIS A 63 19.08 -15.70 -17.47
CA HIS A 63 17.80 -16.39 -17.42
C HIS A 63 17.99 -17.91 -17.47
N LEU A 64 18.82 -18.37 -18.41
CA LEU A 64 19.09 -19.81 -18.52
C LEU A 64 19.69 -20.36 -17.22
N THR A 65 20.57 -19.58 -16.59
CA THR A 65 21.17 -20.03 -15.34
C THR A 65 20.14 -20.14 -14.23
N GLU A 66 19.26 -19.13 -14.10
CA GLU A 66 18.20 -19.20 -13.12
C GLU A 66 17.30 -20.42 -13.36
N ALA A 67 17.03 -20.73 -14.63
CA ALA A 67 16.22 -21.90 -14.95
C ALA A 67 16.93 -23.19 -14.55
N ILE A 68 18.24 -23.27 -14.81
CA ILE A 68 19.00 -24.45 -14.39
C ILE A 68 18.93 -24.59 -12.88
N GLN A 69 18.96 -23.48 -12.16
CA GLN A 69 18.87 -23.55 -10.70
C GLN A 69 17.51 -24.07 -10.26
N TYR A 70 16.44 -23.65 -10.94
CA TYR A 70 15.12 -24.16 -10.62
C TYR A 70 15.03 -25.66 -10.93
N VAL A 71 15.70 -26.11 -12.00
CA VAL A 71 15.68 -27.52 -12.31
C VAL A 71 16.45 -28.32 -11.27
N VAL A 72 17.53 -27.75 -10.72
CA VAL A 72 18.21 -28.42 -9.62
C VAL A 72 17.30 -28.52 -8.41
N GLU A 73 16.56 -27.44 -8.12
CA GLU A 73 15.60 -27.49 -7.02
C GLU A 73 14.56 -28.58 -7.25
N PHE A 74 14.10 -28.72 -8.50
CA PHE A 74 13.16 -29.80 -8.83
C PHE A 74 13.77 -31.16 -8.54
N ALA A 75 14.99 -31.40 -9.02
CA ALA A 75 15.63 -32.69 -8.79
C ALA A 75 15.76 -32.98 -7.30
N LYS A 76 16.11 -31.97 -6.50
CA LYS A 76 16.30 -32.17 -5.07
C LYS A 76 15.02 -32.61 -4.36
N ARG A 77 13.85 -32.36 -4.96
CA ARG A 77 12.57 -32.71 -4.34
C ARG A 77 12.02 -34.04 -4.85
N LEU A 78 12.78 -34.76 -5.67
CA LEU A 78 12.38 -36.07 -6.16
C LEU A 78 12.84 -37.13 -5.18
N SER A 79 11.92 -37.95 -4.70
CA SER A 79 12.25 -39.01 -3.77
C SER A 79 13.34 -39.90 -4.33
N GLY A 80 14.46 -39.98 -3.62
CA GLY A 80 15.56 -40.85 -3.98
C GLY A 80 16.73 -40.16 -4.65
N PHE A 81 16.51 -38.98 -5.24
CA PHE A 81 17.62 -38.28 -5.89
C PHE A 81 18.63 -37.78 -4.88
N MET A 82 18.18 -37.37 -3.69
CA MET A 82 19.11 -36.98 -2.64
C MET A 82 19.79 -38.17 -1.98
N GLU A 83 19.32 -39.40 -2.24
CA GLU A 83 20.00 -40.58 -1.75
C GLU A 83 21.18 -40.97 -2.64
N LEU A 84 21.13 -40.62 -3.92
CA LEU A 84 22.26 -40.87 -4.81
C LEU A 84 23.48 -40.09 -4.32
N CYS A 85 24.66 -40.62 -4.62
CA CYS A 85 25.88 -39.93 -4.26
C CYS A 85 26.00 -38.63 -5.05
N GLN A 86 26.76 -37.69 -4.50
CA GLN A 86 26.85 -36.36 -5.11
C GLN A 86 27.40 -36.45 -6.54
N ASN A 87 28.34 -37.37 -6.77
CA ASN A 87 28.87 -37.55 -8.13
C ASN A 87 27.75 -37.91 -9.11
N ASP A 88 26.91 -38.87 -8.74
CA ASP A 88 25.81 -39.26 -9.63
C ASP A 88 24.82 -38.12 -9.82
N GLN A 89 24.50 -37.40 -8.74
CA GLN A 89 23.61 -36.25 -8.86
C GLN A 89 24.14 -35.24 -9.86
N ILE A 90 25.44 -34.95 -9.79
CA ILE A 90 26.03 -33.97 -10.68
C ILE A 90 26.07 -34.48 -12.11
N VAL A 91 26.37 -35.77 -12.30
CA VAL A 91 26.36 -36.34 -13.64
C VAL A 91 24.97 -36.19 -14.26
N LEU A 92 23.94 -36.57 -13.51
CA LEU A 92 22.58 -36.53 -14.04
C LEU A 92 22.16 -35.09 -14.36
N LEU A 93 22.43 -34.15 -13.45
CA LEU A 93 22.06 -32.77 -13.70
C LEU A 93 22.82 -32.19 -14.88
N LYS A 94 24.14 -32.39 -14.92
CA LYS A 94 24.95 -31.94 -16.04
C LYS A 94 24.41 -32.48 -17.36
N ALA A 95 23.97 -33.73 -17.39
CA ALA A 95 23.58 -34.34 -18.64
C ALA A 95 22.16 -33.97 -19.07
N GLY A 96 21.27 -33.63 -18.14
CA GLY A 96 19.87 -33.40 -18.50
C GLY A 96 19.22 -32.06 -18.17
N ALA A 97 19.88 -31.20 -17.40
CA ALA A 97 19.20 -30.02 -16.88
C ALA A 97 18.82 -29.06 -17.99
N MET A 98 19.72 -28.84 -18.96
CA MET A 98 19.41 -27.89 -20.02
C MET A 98 18.31 -28.41 -20.92
N GLU A 99 18.26 -29.73 -21.15
CA GLU A 99 17.14 -30.30 -21.88
C GLU A 99 15.83 -30.06 -21.14
N VAL A 100 15.86 -30.17 -19.81
CA VAL A 100 14.65 -29.91 -19.03
C VAL A 100 14.25 -28.44 -19.14
N VAL A 101 15.23 -27.54 -19.14
CA VAL A 101 14.93 -26.12 -19.35
C VAL A 101 14.24 -25.93 -20.69
N LEU A 102 14.77 -26.56 -21.73
CA LEU A 102 14.16 -26.46 -23.06
C LEU A 102 12.72 -26.93 -23.03
N VAL A 103 12.47 -28.10 -22.43
CA VAL A 103 11.12 -28.62 -22.35
C VAL A 103 10.22 -27.62 -21.63
N ARG A 104 10.66 -27.14 -20.46
CA ARG A 104 9.85 -26.19 -19.69
C ARG A 104 9.49 -24.96 -20.52
N MET A 105 10.40 -24.52 -21.38
CA MET A 105 10.20 -23.26 -22.08
C MET A 105 8.91 -23.25 -22.93
N CYS A 106 8.36 -24.42 -23.27
CA CYS A 106 7.18 -24.45 -24.11
C CYS A 106 5.96 -23.86 -23.42
N ARG A 107 5.94 -23.85 -22.08
CA ARG A 107 4.81 -23.29 -21.34
C ARG A 107 4.68 -21.79 -21.58
N ALA A 108 5.79 -21.12 -21.88
CA ALA A 108 5.80 -19.68 -22.10
C ALA A 108 5.75 -19.32 -23.58
N TYR A 109 5.41 -20.27 -24.43
CA TYR A 109 5.29 -20.05 -25.86
C TYR A 109 3.83 -20.01 -26.24
N ASN A 110 3.45 -19.00 -27.03
CA ASN A 110 2.09 -18.84 -27.53
C ASN A 110 2.10 -19.10 -29.03
N ALA A 111 1.56 -20.25 -29.45
CA ALA A 111 1.60 -20.63 -30.86
C ALA A 111 0.72 -19.73 -31.71
N ASP A 112 -0.35 -19.17 -31.14
CA ASP A 112 -1.28 -18.36 -31.93
C ASP A 112 -0.57 -17.19 -32.58
N ASN A 113 0.12 -16.38 -31.78
CA ASN A 113 0.87 -15.23 -32.29
C ASN A 113 2.36 -15.52 -32.46
N ARG A 114 2.82 -16.72 -32.11
CA ARG A 114 4.21 -17.12 -32.29
C ARG A 114 5.14 -16.23 -31.47
N THR A 115 4.72 -15.88 -30.26
CA THR A 115 5.49 -15.05 -29.35
C THR A 115 5.84 -15.86 -28.11
N VAL A 116 6.82 -15.34 -27.36
CA VAL A 116 7.30 -15.99 -26.16
C VAL A 116 7.35 -14.95 -25.04
N PHE A 117 7.14 -15.42 -23.81
CA PHE A 117 7.26 -14.55 -22.65
C PHE A 117 8.73 -14.23 -22.40
N PHE A 118 9.00 -12.95 -22.12
CA PHE A 118 10.36 -12.49 -21.87
C PHE A 118 10.27 -11.22 -21.03
N GLU A 119 10.94 -11.23 -19.88
CA GLU A 119 11.09 -10.06 -19.02
C GLU A 119 9.77 -9.29 -18.90
N GLY A 120 8.70 -10.04 -18.66
CA GLY A 120 7.43 -9.46 -18.28
C GLY A 120 6.41 -9.31 -19.39
N LYS A 121 6.80 -9.45 -20.66
CA LYS A 121 5.85 -9.27 -21.75
C LYS A 121 6.14 -10.29 -22.84
N TYR A 122 5.18 -10.48 -23.73
CA TYR A 122 5.33 -11.40 -24.84
C TYR A 122 5.88 -10.69 -26.07
N GLY A 123 6.83 -11.32 -26.73
CA GLY A 123 7.41 -10.78 -27.94
C GLY A 123 7.80 -11.87 -28.90
N GLY A 124 7.79 -11.53 -30.18
CA GLY A 124 8.18 -12.47 -31.21
C GLY A 124 9.68 -12.68 -31.25
N MET A 125 10.11 -13.40 -32.29
CA MET A 125 11.52 -13.76 -32.42
C MET A 125 12.40 -12.54 -32.60
N GLU A 126 11.89 -11.48 -33.22
CA GLU A 126 12.70 -10.30 -33.47
C GLU A 126 13.27 -9.69 -32.21
N LEU A 127 12.63 -9.93 -31.05
CA LEU A 127 13.19 -9.47 -29.78
C LEU A 127 14.66 -9.83 -29.64
N PHE A 128 15.08 -10.94 -30.25
CA PHE A 128 16.41 -11.49 -30.06
C PHE A 128 17.33 -11.18 -31.24
N ARG A 129 17.02 -10.13 -32.02
CA ARG A 129 17.88 -9.77 -33.13
C ARG A 129 19.31 -9.52 -32.66
N ALA A 130 19.48 -9.01 -31.45
CA ALA A 130 20.81 -8.69 -30.94
C ALA A 130 21.65 -9.92 -30.65
N LEU A 131 21.06 -11.13 -30.66
CA LEU A 131 21.83 -12.33 -30.34
C LEU A 131 22.64 -12.85 -31.53
N GLY A 132 22.27 -12.49 -32.75
CA GLY A 132 23.06 -12.90 -33.91
C GLY A 132 23.23 -14.39 -34.06
N CYS A 133 22.26 -15.17 -33.62
CA CYS A 133 22.28 -16.63 -33.75
C CYS A 133 20.96 -17.12 -34.34
N SER A 134 20.55 -16.48 -35.44
CA SER A 134 19.22 -16.71 -35.99
C SER A 134 18.92 -18.19 -36.17
N GLU A 135 19.93 -19.00 -36.51
CA GLU A 135 19.70 -20.44 -36.66
C GLU A 135 19.22 -21.06 -35.34
N LEU A 136 19.98 -20.84 -34.27
CA LEU A 136 19.61 -21.42 -32.98
C LEU A 136 18.29 -20.85 -32.47
N ILE A 137 18.08 -19.54 -32.63
CA ILE A 137 16.83 -18.94 -32.16
C ILE A 137 15.64 -19.56 -32.90
N SER A 138 15.74 -19.64 -34.23
CA SER A 138 14.67 -20.24 -35.02
C SER A 138 14.46 -21.70 -34.63
N SER A 139 15.54 -22.43 -34.34
CA SER A 139 15.40 -23.84 -34.00
C SER A 139 14.72 -24.02 -32.66
N ILE A 140 15.04 -23.17 -31.68
CA ILE A 140 14.41 -23.28 -30.37
C ILE A 140 12.95 -22.86 -30.44
N PHE A 141 12.64 -21.86 -31.28
CA PHE A 141 11.25 -21.49 -31.48
C PHE A 141 10.47 -22.63 -32.15
N ASP A 142 11.10 -23.32 -33.11
CA ASP A 142 10.45 -24.46 -33.74
C ASP A 142 10.23 -25.60 -32.74
N PHE A 143 11.20 -25.83 -31.86
CA PHE A 143 11.05 -26.85 -30.83
C PHE A 143 9.87 -26.53 -29.90
N SER A 144 9.82 -25.28 -29.43
CA SER A 144 8.71 -24.89 -28.57
C SER A 144 7.38 -24.97 -29.30
N HIS A 145 7.36 -24.62 -30.59
CA HIS A 145 6.15 -24.74 -31.39
C HIS A 145 5.68 -26.20 -31.46
N SER A 146 6.62 -27.11 -31.72
CA SER A 146 6.27 -28.54 -31.77
C SER A 146 5.70 -29.01 -30.45
N LEU A 147 6.33 -28.63 -29.34
CA LEU A 147 5.82 -29.07 -28.04
C LEU A 147 4.45 -28.47 -27.75
N SER A 148 4.23 -27.19 -28.09
CA SER A 148 2.92 -26.59 -27.88
C SER A 148 1.86 -27.28 -28.71
N ALA A 149 2.18 -27.63 -29.95
CA ALA A 149 1.20 -28.31 -30.80
C ALA A 149 0.74 -29.62 -30.18
N LEU A 150 1.61 -30.30 -29.43
CA LEU A 150 1.24 -31.56 -28.78
C LEU A 150 0.37 -31.38 -27.56
N HIS A 151 0.17 -30.14 -27.10
CA HIS A 151 -0.63 -29.86 -25.90
C HIS A 151 -0.05 -30.57 -24.68
N PHE A 152 1.28 -30.54 -24.57
CA PHE A 152 1.96 -31.10 -23.41
C PHE A 152 1.45 -30.44 -22.13
N SER A 153 0.88 -31.24 -21.24
CA SER A 153 0.26 -30.73 -20.03
C SER A 153 1.30 -30.57 -18.92
N GLU A 154 0.85 -29.97 -17.81
CA GLU A 154 1.76 -29.72 -16.69
C GLU A 154 2.23 -31.02 -16.05
N ASP A 155 1.32 -31.98 -15.85
CA ASP A 155 1.72 -33.26 -15.28
C ASP A 155 2.64 -34.02 -16.24
N GLU A 156 2.36 -33.94 -17.53
CA GLU A 156 3.21 -34.61 -18.51
C GLU A 156 4.60 -33.98 -18.54
N ILE A 157 4.69 -32.65 -18.51
CA ILE A 157 6.00 -32.00 -18.44
C ILE A 157 6.73 -32.46 -17.18
N ALA A 158 6.04 -32.45 -16.04
CA ALA A 158 6.66 -32.90 -14.80
C ALA A 158 7.26 -34.30 -14.95
N LEU A 159 6.45 -35.26 -15.40
CA LEU A 159 6.92 -36.65 -15.43
C LEU A 159 8.01 -36.84 -16.48
N TYR A 160 7.85 -36.25 -17.67
CA TYR A 160 8.84 -36.41 -18.71
C TYR A 160 10.18 -35.79 -18.31
N THR A 161 10.15 -34.63 -17.65
CA THR A 161 11.40 -34.01 -17.22
C THR A 161 12.03 -34.81 -16.09
N ALA A 162 11.23 -35.30 -15.16
CA ALA A 162 11.77 -36.18 -14.12
C ALA A 162 12.50 -37.35 -14.74
N LEU A 163 11.96 -37.91 -15.82
CA LEU A 163 12.63 -39.04 -16.47
C LEU A 163 13.83 -38.59 -17.31
N VAL A 164 13.78 -37.39 -17.88
CA VAL A 164 14.94 -36.86 -18.59
C VAL A 164 16.12 -36.77 -17.63
N LEU A 165 15.87 -36.32 -16.40
CA LEU A 165 16.96 -36.21 -15.43
C LEU A 165 17.45 -37.57 -14.97
N ILE A 166 16.53 -38.41 -14.48
CA ILE A 166 16.90 -39.73 -13.98
C ILE A 166 17.08 -40.68 -15.16
N ASN A 167 18.33 -40.82 -15.61
CA ASN A 167 18.67 -41.70 -16.72
C ASN A 167 19.86 -42.54 -16.30
N ALA A 168 19.66 -43.85 -16.21
CA ALA A 168 20.71 -44.75 -15.73
C ALA A 168 21.79 -45.02 -16.76
N HIS A 169 21.63 -44.53 -17.99
CA HIS A 169 22.60 -44.76 -19.04
C HIS A 169 23.61 -43.64 -19.18
N ARG A 170 23.51 -42.59 -18.36
CA ARG A 170 24.44 -41.46 -18.48
C ARG A 170 25.85 -41.92 -18.15
N PRO A 171 26.83 -41.70 -19.03
CA PRO A 171 28.22 -42.01 -18.67
C PRO A 171 28.65 -41.25 -17.43
N GLY A 172 29.29 -41.96 -16.50
CA GLY A 172 29.80 -41.37 -15.28
C GLY A 172 29.14 -41.85 -14.01
N LEU A 173 27.97 -42.49 -14.12
CA LEU A 173 27.27 -42.96 -12.93
C LEU A 173 28.05 -44.06 -12.23
N GLN A 174 28.05 -44.02 -10.91
CA GLN A 174 28.70 -45.03 -10.08
C GLN A 174 27.72 -46.01 -9.46
N GLU A 175 26.51 -45.57 -9.16
CA GLU A 175 25.49 -46.40 -8.52
C GLU A 175 24.35 -46.62 -9.52
N LYS A 176 24.65 -47.40 -10.56
CA LYS A 176 23.70 -47.55 -11.66
C LYS A 176 22.42 -48.24 -11.22
N ARG A 177 22.46 -49.04 -10.16
CA ARG A 177 21.27 -49.79 -9.77
C ARG A 177 20.25 -48.89 -9.09
N LYS A 178 20.71 -47.98 -8.22
CA LYS A 178 19.79 -47.03 -7.60
C LYS A 178 19.12 -46.17 -8.67
N VAL A 179 19.92 -45.66 -9.61
CA VAL A 179 19.37 -44.84 -10.69
C VAL A 179 18.39 -45.65 -11.53
N GLU A 180 18.71 -46.93 -11.78
CA GLU A 180 17.81 -47.79 -12.53
C GLU A 180 16.47 -47.93 -11.81
N GLN A 181 16.51 -48.15 -10.51
CA GLN A 181 15.27 -48.32 -9.76
C GLN A 181 14.44 -47.05 -9.76
N LEU A 182 15.10 -45.89 -9.56
CA LEU A 182 14.37 -44.62 -9.61
C LEU A 182 13.73 -44.42 -10.98
N GLN A 183 14.50 -44.65 -12.05
CA GLN A 183 13.98 -44.48 -13.40
C GLN A 183 12.82 -45.42 -13.66
N TYR A 184 12.91 -46.66 -13.16
CA TYR A 184 11.83 -47.61 -13.39
C TYR A 184 10.56 -47.20 -12.66
N ASN A 185 10.67 -46.74 -11.41
CA ASN A 185 9.49 -46.27 -10.70
C ASN A 185 8.86 -45.07 -11.42
N LEU A 186 9.69 -44.14 -11.90
CA LEU A 186 9.15 -43.00 -12.64
C LEU A 186 8.49 -43.45 -13.94
N GLU A 187 9.07 -44.45 -14.61
CA GLU A 187 8.47 -44.99 -15.82
C GLU A 187 7.10 -45.59 -15.53
N LEU A 188 6.99 -46.33 -14.42
CA LEU A 188 5.69 -46.86 -14.01
C LEU A 188 4.68 -45.74 -13.81
N ALA A 189 5.07 -44.72 -13.05
CA ALA A 189 4.15 -43.61 -12.77
C ALA A 189 3.69 -42.95 -14.07
N PHE A 190 4.64 -42.63 -14.95
CA PHE A 190 4.28 -41.93 -16.18
C PHE A 190 3.44 -42.82 -17.09
N HIS A 191 3.74 -44.12 -17.14
CA HIS A 191 2.96 -45.03 -17.97
C HIS A 191 1.52 -45.10 -17.48
N HIS A 192 1.34 -45.21 -16.15
CA HIS A 192 -0.01 -45.21 -15.60
C HIS A 192 -0.73 -43.92 -15.93
N HIS A 193 -0.05 -42.78 -15.82
CA HIS A 193 -0.71 -41.51 -16.13
C HIS A 193 -1.12 -41.44 -17.60
N LEU A 194 -0.22 -41.81 -18.50
CA LEU A 194 -0.53 -41.78 -19.93
C LEU A 194 -1.67 -42.72 -20.27
N CYS A 195 -1.77 -43.87 -19.58
CA CYS A 195 -2.89 -44.77 -19.82
C CYS A 195 -4.19 -44.16 -19.30
N LYS A 196 -4.17 -43.59 -18.10
CA LYS A 196 -5.35 -42.91 -17.59
C LYS A 196 -5.83 -41.83 -18.56
N THR A 197 -4.91 -41.10 -19.17
CA THR A 197 -5.26 -39.99 -20.05
C THR A 197 -5.31 -40.37 -21.52
N HIS A 198 -4.98 -41.62 -21.85
CA HIS A 198 -4.99 -42.09 -23.25
C HIS A 198 -3.99 -41.30 -24.09
N ARG A 199 -2.81 -41.02 -23.52
CA ARG A 199 -1.76 -40.24 -24.17
C ARG A 199 -0.49 -41.05 -24.36
N GLN A 200 -0.62 -42.37 -24.56
CA GLN A 200 0.55 -43.24 -24.58
C GLN A 200 1.48 -42.88 -25.74
N SER A 201 0.93 -42.53 -26.90
CA SER A 201 1.74 -42.30 -28.08
C SER A 201 2.39 -40.92 -28.12
N ILE A 202 2.22 -40.11 -27.06
CA ILE A 202 2.73 -38.75 -27.10
C ILE A 202 4.25 -38.70 -27.08
N LEU A 203 4.91 -39.77 -26.62
CA LEU A 203 6.37 -39.77 -26.53
C LEU A 203 7.04 -40.08 -27.85
N ALA A 204 6.35 -40.77 -28.77
CA ALA A 204 6.91 -40.98 -30.10
C ALA A 204 6.93 -39.70 -30.92
N LYS A 205 6.13 -38.71 -30.55
CA LYS A 205 6.05 -37.46 -31.31
C LYS A 205 6.96 -36.36 -30.79
N LEU A 206 7.56 -36.53 -29.62
CA LEU A 206 8.48 -35.52 -29.11
C LEU A 206 9.67 -35.39 -30.06
N PRO A 207 10.04 -34.18 -30.47
CA PRO A 207 11.22 -34.01 -31.32
C PRO A 207 12.50 -34.08 -30.52
N PRO A 208 13.65 -34.20 -31.17
CA PRO A 208 14.92 -34.26 -30.45
C PRO A 208 15.25 -32.91 -29.82
N ALA A 209 16.06 -32.96 -28.76
CA ALA A 209 16.39 -31.75 -28.02
C ALA A 209 17.82 -31.70 -27.51
N GLY A 210 18.61 -32.76 -27.72
CA GLY A 210 19.95 -32.79 -27.16
C GLY A 210 20.88 -31.74 -27.75
N LYS A 211 20.80 -31.55 -29.06
CA LYS A 211 21.69 -30.59 -29.73
C LYS A 211 21.39 -29.17 -29.28
N LEU A 212 20.12 -28.79 -29.27
CA LEU A 212 19.75 -27.45 -28.83
C LEU A 212 20.23 -27.20 -27.40
N ALA A 213 20.00 -28.16 -26.51
CA ALA A 213 20.42 -27.98 -25.13
C ALA A 213 21.93 -27.86 -25.02
N SER A 214 22.67 -28.65 -25.82
CA SER A 214 24.12 -28.53 -25.81
C SER A 214 24.55 -27.13 -26.27
N LEU A 215 23.93 -26.61 -27.32
CA LEU A 215 24.30 -25.28 -27.80
C LEU A 215 24.00 -24.20 -26.77
N CYS A 216 22.88 -24.34 -26.06
CA CYS A 216 22.56 -23.37 -25.01
C CYS A 216 23.57 -23.44 -23.87
N SER A 217 23.89 -24.65 -23.41
CA SER A 217 24.90 -24.80 -22.37
C SER A 217 26.23 -24.24 -22.84
N GLN A 218 26.53 -24.39 -24.12
CA GLN A 218 27.78 -23.89 -24.67
C GLN A 218 27.82 -22.37 -24.63
N HIS A 219 26.71 -21.72 -24.98
CA HIS A 219 26.66 -20.26 -24.90
C HIS A 219 26.80 -19.79 -23.45
N VAL A 220 26.15 -20.47 -22.52
CA VAL A 220 26.27 -20.11 -21.11
C VAL A 220 27.72 -20.22 -20.65
N GLU A 221 28.40 -21.30 -21.03
CA GLU A 221 29.78 -21.49 -20.65
C GLU A 221 30.67 -20.43 -21.30
N ARG A 222 30.45 -20.16 -22.58
CA ARG A 222 31.20 -19.11 -23.28
C ARG A 222 31.10 -17.80 -22.51
N LEU A 223 29.90 -17.44 -22.09
CA LEU A 223 29.73 -16.17 -21.38
C LEU A 223 30.45 -16.20 -20.03
N GLN A 224 30.37 -17.32 -19.31
CA GLN A 224 31.12 -17.43 -18.06
C GLN A 224 32.62 -17.23 -18.31
N ILE A 225 33.13 -17.79 -19.41
CA ILE A 225 34.58 -17.83 -19.62
C ILE A 225 35.12 -16.43 -19.92
N PHE A 226 34.56 -15.79 -20.95
CA PHE A 226 35.08 -14.53 -21.47
C PHE A 226 34.55 -13.30 -20.75
N GLN A 227 34.20 -13.43 -19.47
CA GLN A 227 33.60 -12.30 -18.76
C GLN A 227 34.62 -11.23 -18.37
N HIS A 228 35.91 -11.55 -18.37
CA HIS A 228 36.92 -10.54 -18.07
C HIS A 228 37.13 -9.57 -19.21
N LEU A 229 36.79 -9.96 -20.44
CA LEU A 229 36.91 -9.11 -21.61
C LEU A 229 35.62 -8.36 -21.93
N HIS A 230 34.70 -8.26 -20.97
CA HIS A 230 33.45 -7.54 -21.15
C HIS A 230 33.13 -6.76 -19.87
N PRO A 231 32.17 -5.84 -19.91
CA PRO A 231 31.88 -5.03 -18.72
C PRO A 231 31.23 -5.87 -17.61
N ILE A 232 31.38 -5.38 -16.40
CA ILE A 232 30.79 -6.02 -15.22
C ILE A 232 29.27 -6.10 -15.38
N THR B 1 26.39 -29.92 -19.63
CA THR B 1 27.22 -30.73 -20.52
C THR B 1 28.61 -30.14 -20.67
N ASN B 2 29.04 -29.38 -19.66
CA ASN B 2 30.35 -28.74 -19.68
C ASN B 2 30.64 -28.26 -18.26
N MET B 3 31.75 -27.52 -18.11
CA MET B 3 32.26 -27.18 -16.78
C MET B 3 31.48 -26.03 -16.14
N GLY B 4 31.03 -25.06 -16.93
CA GLY B 4 30.26 -23.96 -16.36
C GLY B 4 28.92 -24.42 -15.82
N LEU B 5 28.21 -25.26 -16.58
CA LEU B 5 26.96 -25.84 -16.08
C LEU B 5 27.21 -26.63 -14.81
N GLU B 6 28.32 -27.37 -14.77
CA GLU B 6 28.66 -28.15 -13.58
C GLU B 6 28.93 -27.23 -12.40
N ALA B 7 29.54 -26.06 -12.64
CA ALA B 7 29.74 -25.10 -11.56
C ALA B 7 28.40 -24.60 -11.02
N ILE B 8 27.50 -24.21 -11.93
CA ILE B 8 26.16 -23.78 -11.51
C ILE B 8 25.51 -24.87 -10.66
N ILE B 9 25.61 -26.11 -11.12
CA ILE B 9 24.93 -27.22 -10.45
C ILE B 9 25.54 -27.49 -9.07
N ARG B 10 26.87 -27.50 -8.99
CA ARG B 10 27.53 -27.71 -7.70
C ARG B 10 27.18 -26.62 -6.71
N LYS B 11 27.09 -25.36 -7.19
CA LYS B 11 26.70 -24.28 -6.30
C LYS B 11 25.28 -24.46 -5.80
N ALA B 12 24.34 -24.74 -6.72
CA ALA B 12 22.94 -24.85 -6.32
C ALA B 12 22.63 -26.12 -5.54
N LEU B 13 23.51 -27.12 -5.60
CA LEU B 13 23.19 -28.41 -5.00
C LEU B 13 23.51 -28.44 -3.51
N MET B 14 24.62 -27.82 -3.10
CA MET B 14 25.02 -27.81 -1.70
C MET B 14 24.28 -26.72 -0.93
N SER C 6 -5.34 7.48 -7.59
CA SER C 6 -6.08 6.39 -6.95
C SER C 6 -5.70 5.04 -7.57
N LEU C 7 -4.45 4.92 -7.99
CA LEU C 7 -3.98 3.68 -8.59
C LEU C 7 -4.18 2.49 -7.67
N THR C 8 -4.04 2.70 -6.36
CA THR C 8 -4.17 1.60 -5.41
C THR C 8 -5.55 0.95 -5.50
N GLU C 9 -6.61 1.75 -5.37
CA GLU C 9 -7.96 1.18 -5.41
C GLU C 9 -8.30 0.64 -6.77
N ILE C 10 -7.80 1.25 -7.85
CA ILE C 10 -8.04 0.73 -9.19
C ILE C 10 -7.45 -0.66 -9.32
N GLU C 11 -6.18 -0.82 -8.93
CA GLU C 11 -5.54 -2.13 -8.97
C GLU C 11 -6.28 -3.13 -8.07
N HIS C 12 -6.72 -2.67 -6.90
CA HIS C 12 -7.43 -3.58 -5.99
C HIS C 12 -8.72 -4.08 -6.62
N LEU C 13 -9.47 -3.20 -7.28
CA LEU C 13 -10.72 -3.63 -7.92
C LEU C 13 -10.42 -4.56 -9.10
N VAL C 14 -9.41 -4.23 -9.89
CA VAL C 14 -9.01 -5.13 -10.98
C VAL C 14 -8.76 -6.52 -10.45
N GLN C 15 -7.93 -6.62 -9.40
CA GLN C 15 -7.54 -7.93 -8.88
C GLN C 15 -8.70 -8.62 -8.18
N SER C 16 -9.61 -7.86 -7.56
CA SER C 16 -10.77 -8.48 -6.94
C SER C 16 -11.70 -9.09 -7.97
N VAL C 17 -11.92 -8.38 -9.09
CA VAL C 17 -12.77 -8.93 -10.14
C VAL C 17 -12.10 -10.14 -10.77
N CYS C 18 -10.78 -10.07 -10.98
CA CYS C 18 -10.07 -11.22 -11.54
C CYS C 18 -10.17 -12.42 -10.60
N LYS C 19 -10.01 -12.20 -9.30
CA LYS C 19 -10.18 -13.28 -8.32
C LYS C 19 -11.59 -13.86 -8.40
N SER C 20 -12.61 -13.00 -8.34
CA SER C 20 -13.98 -13.48 -8.39
C SER C 20 -14.22 -14.34 -9.62
N TYR C 21 -13.69 -13.92 -10.77
CA TYR C 21 -13.83 -14.73 -11.97
C TYR C 21 -13.08 -16.05 -11.84
N ARG C 22 -11.85 -16.01 -11.33
CA ARG C 22 -11.03 -17.21 -11.25
C ARG C 22 -11.70 -18.27 -10.40
N GLU C 23 -12.39 -17.87 -9.34
CA GLU C 23 -13.05 -18.80 -8.45
C GLU C 23 -14.43 -19.23 -8.94
N THR C 24 -14.85 -18.77 -10.13
CA THR C 24 -16.16 -19.13 -10.65
C THR C 24 -16.12 -19.41 -12.15
N CYS C 25 -14.94 -19.63 -12.73
CA CYS C 25 -14.79 -19.86 -14.16
C CYS C 25 -15.19 -21.27 -14.60
N GLN C 26 -15.66 -22.12 -13.68
CA GLN C 26 -16.16 -23.44 -14.01
C GLN C 26 -15.05 -24.38 -14.44
N LEU C 27 -14.27 -24.00 -15.45
CA LEU C 27 -13.17 -24.80 -15.96
C LEU C 27 -11.94 -23.92 -16.15
N ARG C 28 -10.82 -24.34 -15.58
CA ARG C 28 -9.57 -23.63 -15.81
C ARG C 28 -9.22 -23.64 -17.29
N LEU C 29 -8.54 -22.58 -17.74
CA LEU C 29 -8.09 -22.54 -19.12
C LEU C 29 -7.04 -23.61 -19.39
N GLU C 30 -6.19 -23.91 -18.40
CA GLU C 30 -5.22 -24.98 -18.55
C GLU C 30 -5.90 -26.29 -18.92
N ASP C 31 -7.03 -26.59 -18.30
CA ASP C 31 -7.73 -27.85 -18.56
C ASP C 31 -8.26 -27.90 -19.99
N LEU C 32 -8.94 -26.84 -20.42
CA LEU C 32 -9.44 -26.80 -21.79
C LEU C 32 -8.30 -26.96 -22.80
N LEU C 33 -7.18 -26.28 -22.55
CA LEU C 33 -6.07 -26.35 -23.50
C LEU C 33 -5.48 -27.75 -23.55
N ARG C 34 -5.17 -28.34 -22.39
CA ARG C 34 -4.58 -29.67 -22.40
C ARG C 34 -5.55 -30.72 -22.94
N GLN C 35 -6.87 -30.50 -22.79
CA GLN C 35 -7.85 -31.42 -23.33
C GLN C 35 -8.04 -31.26 -24.83
N ARG C 36 -7.64 -30.12 -25.40
CA ARG C 36 -7.75 -29.93 -26.85
C ARG C 36 -7.24 -31.13 -27.65
N SER C 37 -6.31 -31.91 -27.09
CA SER C 37 -5.81 -33.08 -27.80
C SER C 37 -6.76 -34.28 -27.71
N ASN C 38 -7.82 -34.20 -26.91
CA ASN C 38 -8.75 -35.30 -26.70
C ASN C 38 -9.98 -35.06 -27.58
N ILE C 39 -9.98 -35.64 -28.77
CA ILE C 39 -11.00 -35.38 -29.79
C ILE C 39 -11.89 -36.61 -29.94
N PHE C 40 -13.19 -36.37 -30.10
CA PHE C 40 -14.14 -37.46 -30.25
C PHE C 40 -13.84 -38.25 -31.52
N SER C 41 -13.96 -39.57 -31.42
CA SER C 41 -13.82 -40.44 -32.59
C SER C 41 -15.12 -40.47 -33.39
N ARG C 42 -15.01 -40.89 -34.65
CA ARG C 42 -16.19 -40.97 -35.50
C ARG C 42 -17.29 -41.82 -34.85
N GLU C 43 -16.89 -42.91 -34.20
CA GLU C 43 -17.87 -43.75 -33.51
C GLU C 43 -18.61 -42.97 -32.42
N GLU C 44 -17.88 -42.21 -31.62
CA GLU C 44 -18.52 -41.41 -30.58
C GLU C 44 -19.42 -40.34 -31.17
N VAL C 45 -19.01 -39.75 -32.30
CA VAL C 45 -19.83 -38.72 -32.94
C VAL C 45 -21.15 -39.32 -33.41
N THR C 46 -21.08 -40.49 -34.06
CA THR C 46 -22.32 -41.16 -34.47
C THR C 46 -23.16 -41.52 -33.26
N GLY C 47 -22.51 -41.93 -32.16
CA GLY C 47 -23.26 -42.21 -30.95
C GLY C 47 -24.04 -41.02 -30.45
N TYR C 48 -23.44 -39.83 -30.49
CA TYR C 48 -24.17 -38.62 -30.08
C TYR C 48 -25.26 -38.27 -31.08
N GLN C 49 -24.97 -38.36 -32.38
CA GLN C 49 -25.98 -38.04 -33.38
C GLN C 49 -27.17 -38.99 -33.30
N ARG C 50 -26.96 -40.20 -32.80
CA ARG C 50 -28.01 -41.21 -32.71
C ARG C 50 -28.89 -41.03 -31.49
N LYS C 51 -28.53 -40.14 -30.57
CA LYS C 51 -29.33 -39.93 -29.38
C LYS C 51 -30.69 -39.33 -29.72
N SER C 52 -31.63 -39.49 -28.81
CA SER C 52 -32.92 -38.83 -28.95
C SER C 52 -32.74 -37.32 -28.88
N MET C 53 -33.65 -36.60 -29.54
CA MET C 53 -33.60 -35.14 -29.49
C MET C 53 -33.76 -34.64 -28.05
N TRP C 54 -34.69 -35.25 -27.30
CA TRP C 54 -34.91 -34.79 -25.93
C TRP C 54 -33.66 -35.00 -25.08
N GLU C 55 -32.98 -36.13 -25.23
CA GLU C 55 -31.82 -36.39 -24.38
C GLU C 55 -30.69 -35.40 -24.66
N MET C 56 -30.41 -35.14 -25.94
CA MET C 56 -29.39 -34.17 -26.30
C MET C 56 -29.75 -32.80 -25.74
N TRP C 57 -31.01 -32.38 -25.91
CA TRP C 57 -31.42 -31.08 -25.38
C TRP C 57 -31.32 -31.06 -23.86
N GLU C 58 -31.63 -32.16 -23.19
CA GLU C 58 -31.57 -32.19 -21.74
C GLU C 58 -30.13 -32.04 -21.26
N ARG C 59 -29.20 -32.75 -21.89
CA ARG C 59 -27.79 -32.59 -21.52
C ARG C 59 -27.32 -31.16 -21.74
N CYS C 60 -27.65 -30.59 -22.89
CA CYS C 60 -27.18 -29.24 -23.20
C CYS C 60 -27.80 -28.21 -22.26
N ALA C 61 -29.07 -28.39 -21.89
CA ALA C 61 -29.73 -27.45 -20.99
C ALA C 61 -29.17 -27.59 -19.58
N HIS C 62 -28.86 -28.80 -19.14
CA HIS C 62 -28.18 -28.98 -17.86
C HIS C 62 -26.85 -28.22 -17.85
N HIS C 63 -26.07 -28.35 -18.92
CA HIS C 63 -24.79 -27.64 -18.98
C HIS C 63 -25.00 -26.13 -18.94
N LEU C 64 -25.98 -25.62 -19.70
CA LEU C 64 -26.25 -24.19 -19.70
C LEU C 64 -26.71 -23.71 -18.33
N THR C 65 -27.55 -24.49 -17.65
CA THR C 65 -28.02 -24.10 -16.32
C THR C 65 -26.85 -24.05 -15.33
N GLU C 66 -25.94 -25.03 -15.42
CA GLU C 66 -24.77 -25.02 -14.55
C GLU C 66 -23.90 -23.79 -14.81
N ALA C 67 -23.71 -23.44 -16.08
CA ALA C 67 -22.96 -22.23 -16.41
C ALA C 67 -23.65 -20.99 -15.84
N ILE C 68 -24.98 -20.93 -15.93
CA ILE C 68 -25.70 -19.78 -15.39
C ILE C 68 -25.48 -19.68 -13.88
N GLN C 69 -25.50 -20.81 -13.19
CA GLN C 69 -25.27 -20.79 -11.74
C GLN C 69 -23.85 -20.35 -11.41
N TYR C 70 -22.88 -20.74 -12.23
CA TYR C 70 -21.52 -20.25 -12.02
C TYR C 70 -21.44 -18.74 -12.21
N VAL C 71 -22.15 -18.22 -13.22
CA VAL C 71 -22.19 -16.78 -13.43
C VAL C 71 -22.86 -16.08 -12.25
N VAL C 72 -23.86 -16.72 -11.66
CA VAL C 72 -24.53 -16.12 -10.49
C VAL C 72 -23.57 -16.05 -9.32
N GLU C 73 -22.79 -17.11 -9.08
CA GLU C 73 -21.79 -17.05 -8.02
C GLU C 73 -20.76 -15.97 -8.31
N PHE C 74 -20.36 -15.85 -9.58
CA PHE C 74 -19.44 -14.78 -9.98
C PHE C 74 -19.99 -13.41 -9.60
N ALA C 75 -21.23 -13.12 -9.99
CA ALA C 75 -21.85 -11.85 -9.62
C ALA C 75 -21.91 -11.69 -8.11
N LYS C 76 -22.18 -12.78 -7.39
CA LYS C 76 -22.26 -12.71 -5.94
C LYS C 76 -20.92 -12.36 -5.32
N ARG C 77 -19.81 -12.67 -6.01
CA ARG C 77 -18.49 -12.30 -5.49
C ARG C 77 -18.06 -10.89 -5.89
N LEU C 78 -18.69 -10.30 -6.91
CA LEU C 78 -18.31 -8.95 -7.32
C LEU C 78 -18.62 -7.95 -6.22
N SER C 79 -17.74 -6.95 -6.09
CA SER C 79 -17.87 -5.97 -5.01
C SER C 79 -19.10 -5.09 -5.26
N GLY C 80 -19.96 -5.00 -4.25
CA GLY C 80 -21.14 -4.16 -4.31
C GLY C 80 -22.38 -4.84 -4.85
N PHE C 81 -22.24 -5.93 -5.59
CA PHE C 81 -23.42 -6.56 -6.17
C PHE C 81 -24.37 -7.07 -5.10
N MET C 82 -23.83 -7.64 -4.02
CA MET C 82 -24.67 -8.12 -2.94
C MET C 82 -25.33 -6.98 -2.17
N GLU C 83 -24.76 -5.77 -2.21
CA GLU C 83 -25.38 -4.65 -1.53
C GLU C 83 -26.63 -4.15 -2.25
N LEU C 84 -26.81 -4.51 -3.52
CA LEU C 84 -28.00 -4.13 -4.25
C LEU C 84 -29.22 -4.88 -3.70
N CYS C 85 -30.38 -4.26 -3.85
CA CYS C 85 -31.62 -4.94 -3.49
C CYS C 85 -31.82 -6.15 -4.38
N GLN C 86 -32.57 -7.14 -3.87
CA GLN C 86 -32.74 -8.39 -4.60
C GLN C 86 -33.32 -8.16 -5.97
N ASN C 87 -34.23 -7.18 -6.10
CA ASN C 87 -34.82 -6.89 -7.40
C ASN C 87 -33.76 -6.51 -8.42
N ASP C 88 -32.83 -5.63 -8.05
CA ASP C 88 -31.79 -5.22 -8.99
C ASP C 88 -30.86 -6.38 -9.34
N GLN C 89 -30.51 -7.20 -8.34
CA GLN C 89 -29.71 -8.39 -8.61
C GLN C 89 -30.38 -9.26 -9.66
N ILE C 90 -31.66 -9.57 -9.45
CA ILE C 90 -32.37 -10.45 -10.38
C ILE C 90 -32.46 -9.81 -11.75
N VAL C 91 -32.74 -8.50 -11.81
CA VAL C 91 -32.83 -7.83 -13.10
C VAL C 91 -31.51 -7.95 -13.86
N LEU C 92 -30.40 -7.62 -13.19
CA LEU C 92 -29.11 -7.63 -13.86
C LEU C 92 -28.74 -9.03 -14.32
N LEU C 93 -28.92 -10.03 -13.45
CA LEU C 93 -28.57 -11.40 -13.82
C LEU C 93 -29.45 -11.88 -14.97
N LYS C 94 -30.76 -11.72 -14.86
CA LYS C 94 -31.66 -12.08 -15.96
C LYS C 94 -31.22 -11.44 -17.26
N ALA C 95 -30.77 -10.19 -17.21
CA ALA C 95 -30.46 -9.47 -18.44
C ALA C 95 -29.13 -9.91 -19.04
N GLY C 96 -28.12 -10.20 -18.22
CA GLY C 96 -26.78 -10.39 -18.74
C GLY C 96 -26.15 -11.76 -18.60
N ALA C 97 -26.79 -12.67 -17.85
CA ALA C 97 -26.14 -13.92 -17.49
C ALA C 97 -25.88 -14.79 -18.71
N MET C 98 -26.83 -14.88 -19.63
CA MET C 98 -26.64 -15.78 -20.76
C MET C 98 -25.59 -15.23 -21.73
N GLU C 99 -25.52 -13.91 -21.88
CA GLU C 99 -24.44 -13.34 -22.68
C GLU C 99 -23.09 -13.60 -22.04
N VAL C 100 -23.01 -13.52 -20.70
CA VAL C 100 -21.77 -13.86 -20.02
C VAL C 100 -21.40 -15.31 -20.30
N VAL C 101 -22.39 -16.21 -20.26
CA VAL C 101 -22.13 -17.62 -20.55
C VAL C 101 -21.58 -17.79 -21.95
N LEU C 102 -22.19 -17.08 -22.92
CA LEU C 102 -21.70 -17.16 -24.29
C LEU C 102 -20.26 -16.70 -24.40
N VAL C 103 -19.92 -15.59 -23.73
CA VAL C 103 -18.55 -15.10 -23.78
C VAL C 103 -17.59 -16.11 -23.18
N ARG C 104 -17.97 -16.70 -22.03
CA ARG C 104 -17.14 -17.71 -21.40
C ARG C 104 -16.93 -18.91 -22.32
N MET C 105 -17.97 -19.30 -23.07
CA MET C 105 -17.90 -20.52 -23.86
C MET C 105 -16.76 -20.49 -24.88
N CYS C 106 -16.36 -19.30 -25.32
CA CYS C 106 -15.31 -19.20 -26.33
C CYS C 106 -13.95 -19.66 -25.81
N ARG C 107 -13.79 -19.82 -24.49
CA ARG C 107 -12.59 -20.44 -23.98
C ARG C 107 -12.48 -21.90 -24.41
N ALA C 108 -13.62 -22.55 -24.62
CA ALA C 108 -13.67 -23.97 -24.98
C ALA C 108 -13.67 -24.19 -26.50
N TYR C 109 -13.66 -23.14 -27.30
CA TYR C 109 -13.60 -23.25 -28.75
C TYR C 109 -12.14 -23.27 -29.20
N ASN C 110 -11.79 -24.25 -30.04
CA ASN C 110 -10.46 -24.38 -30.62
C ASN C 110 -10.55 -23.96 -32.08
N ALA C 111 -9.92 -22.85 -32.42
CA ALA C 111 -10.03 -22.30 -33.78
C ALA C 111 -9.25 -23.12 -34.79
N ASP C 112 -8.30 -23.94 -34.35
CA ASP C 112 -7.47 -24.70 -35.29
C ASP C 112 -8.31 -25.69 -36.07
N ASN C 113 -8.99 -26.59 -35.37
CA ASN C 113 -9.84 -27.61 -35.99
C ASN C 113 -11.32 -27.27 -35.87
N ARG C 114 -11.67 -26.10 -35.33
CA ARG C 114 -13.06 -25.66 -35.21
C ARG C 114 -13.90 -26.68 -34.44
N THR C 115 -13.47 -26.94 -33.20
CA THR C 115 -14.14 -27.87 -32.31
C THR C 115 -14.35 -27.20 -30.96
N VAL C 116 -15.22 -27.81 -30.16
CA VAL C 116 -15.57 -27.28 -28.85
C VAL C 116 -15.54 -28.43 -27.84
N PHE C 117 -15.20 -28.08 -26.61
CA PHE C 117 -15.11 -29.06 -25.53
C PHE C 117 -16.51 -29.40 -25.05
N PHE C 118 -16.87 -30.67 -25.16
CA PHE C 118 -18.19 -31.16 -24.77
C PHE C 118 -18.00 -32.49 -24.04
N GLU C 119 -18.52 -32.56 -22.82
CA GLU C 119 -18.57 -33.77 -22.03
C GLU C 119 -17.29 -34.59 -22.13
N GLY C 120 -16.14 -33.92 -22.11
CA GLY C 120 -14.87 -34.57 -21.94
C GLY C 120 -14.00 -34.65 -23.18
N LYS C 121 -14.50 -34.28 -24.36
CA LYS C 121 -13.66 -34.29 -25.54
C LYS C 121 -14.09 -33.17 -26.48
N TYR C 122 -13.29 -32.92 -27.50
CA TYR C 122 -13.54 -31.86 -28.46
C TYR C 122 -14.23 -32.39 -29.69
N GLY C 123 -15.20 -31.64 -30.19
CA GLY C 123 -15.97 -32.07 -31.35
C GLY C 123 -16.50 -30.91 -32.16
N GLY C 124 -16.75 -31.18 -33.44
CA GLY C 124 -17.26 -30.17 -34.34
C GLY C 124 -18.76 -30.01 -34.25
N MET C 125 -19.29 -29.18 -35.15
CA MET C 125 -20.74 -28.91 -35.16
C MET C 125 -21.53 -30.21 -35.27
N GLU C 126 -21.00 -31.18 -36.02
CA GLU C 126 -21.70 -32.45 -36.20
C GLU C 126 -22.13 -33.07 -34.88
N LEU C 127 -21.34 -32.86 -33.82
CA LEU C 127 -21.65 -33.43 -32.52
C LEU C 127 -23.08 -33.13 -32.07
N PHE C 128 -23.67 -32.04 -32.57
CA PHE C 128 -24.98 -31.59 -32.11
C PHE C 128 -26.07 -31.79 -33.15
N ARG C 129 -25.86 -32.70 -34.10
CA ARG C 129 -26.83 -32.91 -35.17
C ARG C 129 -28.20 -33.26 -34.63
N ALA C 130 -28.26 -33.96 -33.50
CA ALA C 130 -29.54 -34.39 -32.94
C ALA C 130 -30.32 -33.27 -32.28
N LEU C 131 -29.77 -32.06 -32.20
CA LEU C 131 -30.53 -30.94 -31.63
C LEU C 131 -31.51 -30.35 -32.62
N GLY C 132 -31.31 -30.56 -33.91
CA GLY C 132 -32.29 -30.13 -34.91
C GLY C 132 -32.45 -28.63 -35.02
N CYS C 133 -31.36 -27.86 -34.85
N CYS C 133 -31.37 -27.86 -34.84
CA CYS C 133 -31.37 -26.41 -35.01
CA CYS C 133 -31.38 -26.41 -35.04
C CYS C 133 -30.03 -26.01 -35.66
C CYS C 133 -30.03 -26.02 -35.66
N SER C 134 -29.84 -26.41 -36.92
CA SER C 134 -28.56 -26.16 -37.59
C SER C 134 -28.24 -24.68 -37.65
N GLU C 135 -29.25 -23.83 -37.88
CA GLU C 135 -28.99 -22.39 -37.95
C GLU C 135 -28.38 -21.88 -36.66
N LEU C 136 -28.99 -22.25 -35.52
CA LEU C 136 -28.49 -21.78 -34.23
C LEU C 136 -27.09 -22.32 -33.94
N ILE C 137 -26.83 -23.57 -34.31
CA ILE C 137 -25.52 -24.16 -34.06
C ILE C 137 -24.45 -23.44 -34.88
N SER C 138 -24.71 -23.26 -36.19
CA SER C 138 -23.75 -22.55 -37.03
C SER C 138 -23.55 -21.12 -36.55
N SER C 139 -24.62 -20.48 -36.08
CA SER C 139 -24.48 -19.10 -35.60
C SER C 139 -23.63 -19.03 -34.34
N ILE C 140 -23.86 -19.93 -33.40
CA ILE C 140 -23.07 -19.89 -32.17
C ILE C 140 -21.63 -20.27 -32.46
N PHE C 141 -21.39 -21.12 -33.46
CA PHE C 141 -20.01 -21.46 -33.81
C PHE C 141 -19.32 -20.30 -34.50
N ASP C 142 -20.03 -19.57 -35.38
CA ASP C 142 -19.47 -18.36 -35.95
C ASP C 142 -19.14 -17.35 -34.87
N PHE C 143 -20.03 -17.19 -33.89
CA PHE C 143 -19.78 -16.24 -32.80
C PHE C 143 -18.56 -16.66 -31.99
N SER C 144 -18.44 -17.95 -31.68
CA SER C 144 -17.26 -18.42 -30.95
C SER C 144 -15.99 -18.18 -31.75
N HIS C 145 -16.01 -18.50 -33.04
CA HIS C 145 -14.84 -18.24 -33.88
C HIS C 145 -14.45 -16.77 -33.84
N SER C 146 -15.44 -15.89 -34.02
CA SER C 146 -15.15 -14.46 -34.08
C SER C 146 -14.60 -13.95 -32.75
N LEU C 147 -15.19 -14.39 -31.63
CA LEU C 147 -14.77 -13.85 -30.34
C LEU C 147 -13.45 -14.45 -29.87
N SER C 148 -13.18 -15.71 -30.18
CA SER C 148 -11.89 -16.29 -29.84
C SER C 148 -10.78 -15.77 -30.75
N ALA C 149 -11.13 -15.32 -31.96
CA ALA C 149 -10.13 -14.72 -32.83
C ALA C 149 -9.52 -13.46 -32.25
N LEU C 150 -10.15 -12.87 -31.23
CA LEU C 150 -9.61 -11.71 -30.53
C LEU C 150 -8.70 -12.09 -29.38
N HIS C 151 -8.68 -13.37 -28.99
CA HIS C 151 -7.78 -13.88 -27.96
C HIS C 151 -7.82 -13.01 -26.70
N PHE C 152 -9.00 -13.05 -26.07
CA PHE C 152 -9.20 -12.32 -24.83
C PHE C 152 -8.46 -12.99 -23.68
N SER C 153 -7.71 -12.21 -22.92
CA SER C 153 -7.08 -12.71 -21.71
C SER C 153 -8.14 -13.15 -20.71
N GLU C 154 -7.71 -13.94 -19.72
CA GLU C 154 -8.63 -14.35 -18.67
C GLU C 154 -9.05 -13.15 -17.83
N ASP C 155 -8.11 -12.25 -17.54
CA ASP C 155 -8.45 -11.00 -16.85
C ASP C 155 -9.39 -10.16 -17.70
N GLU C 156 -9.16 -10.13 -19.01
CA GLU C 156 -10.02 -9.36 -19.89
C GLU C 156 -11.42 -9.95 -19.93
N ILE C 157 -11.52 -11.28 -19.97
CA ILE C 157 -12.84 -11.92 -19.89
C ILE C 157 -13.53 -11.56 -18.58
N ALA C 158 -12.79 -11.63 -17.47
CA ALA C 158 -13.36 -11.28 -16.18
C ALA C 158 -13.95 -9.87 -16.20
N LEU C 159 -13.13 -8.88 -16.60
CA LEU C 159 -13.59 -7.49 -16.57
C LEU C 159 -14.74 -7.27 -17.54
N TYR C 160 -14.65 -7.85 -18.75
CA TYR C 160 -15.72 -7.64 -19.72
C TYR C 160 -17.03 -8.24 -19.24
N THR C 161 -16.99 -9.45 -18.68
CA THR C 161 -18.23 -10.07 -18.21
C THR C 161 -18.78 -9.31 -17.02
N ALA C 162 -17.91 -8.83 -16.13
CA ALA C 162 -18.36 -7.97 -15.05
C ALA C 162 -19.13 -6.77 -15.59
N LEU C 163 -18.64 -6.16 -16.67
CA LEU C 163 -19.36 -5.03 -17.24
C LEU C 163 -20.63 -5.47 -17.98
N VAL C 164 -20.67 -6.69 -18.50
CA VAL C 164 -21.89 -7.21 -19.10
C VAL C 164 -22.97 -7.35 -18.05
N LEU C 165 -22.60 -7.73 -16.82
CA LEU C 165 -23.58 -7.92 -15.77
C LEU C 165 -24.04 -6.59 -15.17
N ILE C 166 -23.10 -5.77 -14.69
CA ILE C 166 -23.43 -4.51 -14.04
C ILE C 166 -23.69 -3.48 -15.15
N ASN C 167 -24.96 -3.30 -15.48
CA ASN C 167 -25.40 -2.40 -16.56
C ASN C 167 -26.53 -1.55 -16.00
N ALA C 168 -26.29 -0.25 -15.87
CA ALA C 168 -27.28 0.63 -15.27
C ALA C 168 -28.46 0.93 -16.17
N HIS C 169 -28.45 0.46 -17.41
CA HIS C 169 -29.51 0.74 -18.37
C HIS C 169 -30.56 -0.36 -18.43
N ARG C 170 -30.39 -1.44 -17.68
CA ARG C 170 -31.39 -2.52 -17.70
C ARG C 170 -32.72 -1.99 -17.18
N PRO C 171 -33.83 -2.21 -17.88
CA PRO C 171 -35.12 -1.75 -17.37
C PRO C 171 -35.56 -2.58 -16.17
N GLY C 172 -36.24 -1.90 -15.24
CA GLY C 172 -36.70 -2.53 -14.02
C GLY C 172 -35.83 -2.30 -12.82
N LEU C 173 -34.71 -1.61 -12.97
CA LEU C 173 -33.85 -1.30 -11.83
C LEU C 173 -34.49 -0.24 -10.95
N GLN C 174 -34.29 -0.37 -9.64
CA GLN C 174 -34.76 0.60 -8.66
C GLN C 174 -33.64 1.52 -8.17
N GLU C 175 -32.52 0.93 -7.75
CA GLU C 175 -31.36 1.70 -7.29
C GLU C 175 -30.40 1.94 -8.46
N LYS C 176 -30.88 2.66 -9.47
CA LYS C 176 -30.08 2.87 -10.67
C LYS C 176 -28.80 3.64 -10.38
N ARG C 177 -28.83 4.55 -9.41
CA ARG C 177 -27.63 5.33 -9.10
C ARG C 177 -26.50 4.43 -8.61
N LYS C 178 -26.81 3.51 -7.71
CA LYS C 178 -25.78 2.60 -7.21
C LYS C 178 -25.25 1.71 -8.32
N VAL C 179 -26.13 1.24 -9.21
CA VAL C 179 -25.70 0.40 -10.31
C VAL C 179 -24.77 1.16 -11.23
N GLU C 180 -25.11 2.41 -11.57
CA GLU C 180 -24.25 3.17 -12.48
C GLU C 180 -22.93 3.54 -11.80
N GLN C 181 -22.93 3.74 -10.48
CA GLN C 181 -21.67 3.93 -9.78
C GLN C 181 -20.79 2.69 -9.88
N LEU C 182 -21.38 1.51 -9.67
CA LEU C 182 -20.60 0.27 -9.81
C LEU C 182 -20.06 0.11 -11.22
N GLN C 183 -20.89 0.38 -12.23
CA GLN C 183 -20.43 0.27 -13.61
C GLN C 183 -19.32 1.26 -13.91
N TYR C 184 -19.43 2.49 -13.37
CA TYR C 184 -18.38 3.47 -13.57
C TYR C 184 -17.05 2.99 -12.98
N ASN C 185 -17.09 2.47 -11.76
CA ASN C 185 -15.87 1.95 -11.14
C ASN C 185 -15.27 0.82 -11.96
N LEU C 186 -16.11 -0.12 -12.41
CA LEU C 186 -15.63 -1.22 -13.23
C LEU C 186 -15.02 -0.71 -14.53
N GLU C 187 -15.60 0.34 -15.12
CA GLU C 187 -15.07 0.88 -16.36
C GLU C 187 -13.71 1.53 -16.13
N LEU C 188 -13.56 2.27 -15.02
CA LEU C 188 -12.26 2.81 -14.68
C LEU C 188 -11.22 1.70 -14.59
N ALA C 189 -11.57 0.61 -13.90
CA ALA C 189 -10.63 -0.49 -13.71
C ALA C 189 -10.27 -1.13 -15.05
N PHE C 190 -11.27 -1.45 -15.87
CA PHE C 190 -11.01 -2.09 -17.15
C PHE C 190 -10.19 -1.19 -18.06
N HIS C 191 -10.51 0.11 -18.06
CA HIS C 191 -9.74 1.07 -18.84
C HIS C 191 -8.28 1.09 -18.42
N HIS C 192 -8.05 1.13 -17.10
CA HIS C 192 -6.67 1.13 -16.60
C HIS C 192 -5.92 -0.11 -17.07
N HIS C 193 -6.54 -1.29 -16.95
CA HIS C 193 -5.89 -2.50 -17.40
C HIS C 193 -5.58 -2.44 -18.90
N LEU C 194 -6.58 -2.06 -19.69
CA LEU C 194 -6.40 -2.02 -21.15
C LEU C 194 -5.32 -1.03 -21.56
N CYS C 195 -5.17 0.07 -20.80
CA CYS C 195 -4.10 1.01 -21.10
C CYS C 195 -2.75 0.44 -20.69
N LYS C 196 -2.71 -0.29 -19.58
CA LYS C 196 -1.48 -0.97 -19.18
C LYS C 196 -1.00 -1.91 -20.29
N THR C 197 -1.91 -2.71 -20.84
CA THR C 197 -1.54 -3.72 -21.83
C THR C 197 -1.63 -3.21 -23.26
N HIS C 198 -2.08 -1.98 -23.47
CA HIS C 198 -2.24 -1.41 -24.82
C HIS C 198 -3.27 -2.21 -25.62
N ARG C 199 -4.43 -2.45 -25.00
CA ARG C 199 -5.48 -3.29 -25.56
C ARG C 199 -6.80 -2.54 -25.72
N GLN C 200 -6.73 -1.23 -25.96
CA GLN C 200 -7.93 -0.42 -25.95
C GLN C 200 -8.93 -0.87 -27.02
N SER C 201 -8.44 -1.25 -28.19
CA SER C 201 -9.29 -1.46 -29.36
C SER C 201 -9.88 -2.86 -29.45
N ILE C 202 -9.73 -3.69 -28.40
CA ILE C 202 -10.26 -5.05 -28.49
C ILE C 202 -11.78 -5.05 -28.48
N LEU C 203 -12.40 -4.07 -27.83
CA LEU C 203 -13.85 -4.00 -27.71
C LEU C 203 -14.52 -3.31 -28.89
N ALA C 204 -13.76 -2.98 -29.94
CA ALA C 204 -14.31 -2.24 -31.06
C ALA C 204 -15.17 -3.12 -31.95
N LYS C 205 -14.67 -4.31 -32.31
CA LYS C 205 -15.33 -5.19 -33.25
C LYS C 205 -15.77 -6.46 -32.53
N LEU C 206 -16.71 -6.32 -31.61
CA LEU C 206 -17.22 -7.53 -30.97
C LEU C 206 -18.43 -8.06 -31.74
N PRO C 207 -18.50 -9.37 -31.96
CA PRO C 207 -19.69 -9.92 -32.61
C PRO C 207 -20.90 -9.80 -31.73
N PRO C 208 -22.07 -9.48 -32.29
CA PRO C 208 -23.28 -9.35 -31.47
C PRO C 208 -23.66 -10.68 -30.82
N ALA C 209 -24.08 -10.61 -29.56
CA ALA C 209 -24.44 -11.78 -28.78
C ALA C 209 -25.88 -11.82 -28.32
N GLY C 210 -26.64 -10.73 -28.49
CA GLY C 210 -27.96 -10.67 -27.89
C GLY C 210 -28.90 -11.73 -28.40
N LYS C 211 -29.00 -11.87 -29.72
CA LYS C 211 -29.94 -12.82 -30.31
C LYS C 211 -29.66 -14.24 -29.85
N LEU C 212 -28.38 -14.64 -29.89
CA LEU C 212 -28.00 -15.99 -29.53
C LEU C 212 -28.30 -16.29 -28.06
N ALA C 213 -27.91 -15.37 -27.17
CA ALA C 213 -28.20 -15.56 -25.75
C ALA C 213 -29.71 -15.65 -25.52
N SER C 214 -30.48 -14.80 -26.20
CA SER C 214 -31.93 -14.88 -26.10
C SER C 214 -32.43 -16.27 -26.48
N LEU C 215 -31.97 -16.79 -27.61
CA LEU C 215 -32.46 -18.10 -28.07
C LEU C 215 -32.05 -19.22 -27.09
N CYS C 216 -30.83 -19.16 -26.58
CA CYS C 216 -30.40 -20.15 -25.60
C CYS C 216 -31.30 -20.11 -24.38
N SER C 217 -31.58 -18.90 -23.87
CA SER C 217 -32.48 -18.78 -22.74
C SER C 217 -33.85 -19.36 -23.05
N GLN C 218 -34.35 -19.11 -24.27
CA GLN C 218 -35.67 -19.59 -24.63
C GLN C 218 -35.72 -21.11 -24.64
N HIS C 219 -34.65 -21.75 -25.14
CA HIS C 219 -34.63 -23.21 -25.13
C HIS C 219 -34.54 -23.76 -23.72
N VAL C 220 -33.73 -23.13 -22.86
CA VAL C 220 -33.66 -23.56 -21.47
C VAL C 220 -35.05 -23.49 -20.84
N GLU C 221 -35.76 -22.39 -21.06
CA GLU C 221 -37.10 -22.25 -20.52
C GLU C 221 -38.02 -23.31 -21.09
N ARG C 222 -37.94 -23.55 -22.40
CA ARG C 222 -38.77 -24.57 -23.02
C ARG C 222 -38.58 -25.93 -22.35
N LEU C 223 -37.33 -26.28 -22.06
CA LEU C 223 -37.09 -27.58 -21.42
C LEU C 223 -37.61 -27.59 -19.99
N GLN C 224 -37.48 -26.47 -19.27
CA GLN C 224 -38.05 -26.41 -17.93
C GLN C 224 -39.56 -26.60 -17.97
N ILE C 225 -40.23 -26.03 -18.98
CA ILE C 225 -41.70 -26.00 -18.98
C ILE C 225 -42.29 -27.36 -19.30
N PHE C 226 -41.64 -28.15 -20.15
CA PHE C 226 -42.19 -29.40 -20.64
C PHE C 226 -41.50 -30.62 -20.04
N GLN C 227 -40.81 -30.44 -18.91
CA GLN C 227 -40.12 -31.57 -18.30
C GLN C 227 -41.08 -32.72 -17.99
N HIS C 228 -42.35 -32.42 -17.71
CA HIS C 228 -43.30 -33.43 -17.30
C HIS C 228 -43.85 -34.24 -18.47
N LEU C 229 -43.51 -33.89 -19.71
CA LEU C 229 -43.85 -34.70 -20.87
C LEU C 229 -42.75 -35.66 -21.28
N HIS C 230 -41.58 -35.58 -20.64
CA HIS C 230 -40.43 -36.39 -20.97
C HIS C 230 -39.95 -37.12 -19.73
N PRO C 231 -39.02 -38.07 -19.87
CA PRO C 231 -38.61 -38.88 -18.72
C PRO C 231 -38.05 -38.03 -17.59
N ILE C 232 -37.98 -38.65 -16.40
CA ILE C 232 -37.56 -37.94 -15.21
C ILE C 232 -36.06 -37.69 -15.24
N VAL C 233 -35.64 -36.51 -14.80
CA VAL C 233 -34.22 -36.15 -14.76
C VAL C 233 -33.93 -35.39 -13.47
N THR D 1 -34.24 -12.63 -18.77
CA THR D 1 -34.95 -12.36 -20.02
C THR D 1 -36.25 -13.16 -20.10
N ASN D 2 -36.33 -14.24 -19.34
CA ASN D 2 -37.55 -15.06 -19.28
C ASN D 2 -37.69 -15.66 -17.88
N MET D 3 -38.73 -16.46 -17.71
CA MET D 3 -39.07 -16.98 -16.38
C MET D 3 -38.19 -18.15 -15.95
N GLY D 4 -37.70 -18.95 -16.90
CA GLY D 4 -36.81 -20.04 -16.53
C GLY D 4 -35.49 -19.54 -15.99
N LEU D 5 -34.87 -18.58 -16.69
CA LEU D 5 -33.67 -17.95 -16.17
C LEU D 5 -33.92 -17.33 -14.81
N GLU D 6 -35.09 -16.71 -14.62
CA GLU D 6 -35.39 -16.08 -13.34
C GLU D 6 -35.51 -17.11 -12.24
N ALA D 7 -36.09 -18.27 -12.54
CA ALA D 7 -36.16 -19.34 -11.55
C ALA D 7 -34.77 -19.82 -11.17
N ILE D 8 -33.93 -20.09 -12.18
CA ILE D 8 -32.54 -20.49 -11.92
C ILE D 8 -31.86 -19.44 -11.04
N ILE D 9 -32.02 -18.17 -11.39
CA ILE D 9 -31.31 -17.10 -10.70
C ILE D 9 -31.80 -16.96 -9.26
N ARG D 10 -33.11 -17.06 -9.05
CA ARG D 10 -33.65 -16.95 -7.70
C ARG D 10 -33.16 -18.10 -6.82
N LYS D 11 -33.25 -19.32 -7.34
CA LYS D 11 -32.76 -20.46 -6.57
C LYS D 11 -31.27 -20.31 -6.26
N ALA D 12 -30.48 -19.80 -7.21
CA ALA D 12 -29.05 -19.68 -6.99
C ALA D 12 -28.75 -18.60 -5.96
N LEU D 13 -29.26 -17.38 -6.16
CA LEU D 13 -29.07 -16.30 -5.19
C LEU D 13 -29.50 -16.73 -3.80
N MET D 14 -30.55 -17.55 -3.70
CA MET D 14 -30.97 -18.09 -2.42
C MET D 14 -30.17 -19.31 -2.00
N GLY D 15 -29.04 -19.59 -2.66
CA GLY D 15 -28.22 -20.73 -2.32
C GLY D 15 -28.66 -22.02 -2.99
N SER E 6 9.47 -4.75 32.78
CA SER E 6 8.01 -4.75 32.64
C SER E 6 7.57 -3.61 31.73
N LEU E 7 6.32 -3.67 31.29
CA LEU E 7 5.78 -2.63 30.41
C LEU E 7 5.87 -1.26 31.09
N THR E 8 5.40 -1.17 32.32
CA THR E 8 5.42 0.11 33.04
C THR E 8 6.83 0.64 33.17
N GLU E 9 7.81 -0.25 33.38
CA GLU E 9 9.20 0.17 33.50
C GLU E 9 9.67 0.87 32.22
N ILE E 10 9.34 0.28 31.08
CA ILE E 10 9.76 0.84 29.79
C ILE E 10 9.03 2.17 29.54
N GLU E 11 7.74 2.23 29.87
CA GLU E 11 7.02 3.48 29.74
C GLU E 11 7.66 4.58 30.57
N HIS E 12 8.00 4.27 31.83
CA HIS E 12 8.63 5.24 32.69
C HIS E 12 9.98 5.69 32.13
N LEU E 13 10.75 4.77 31.55
CA LEU E 13 12.03 5.15 30.97
C LEU E 13 11.83 6.12 29.80
N VAL E 14 10.87 5.81 28.92
CA VAL E 14 10.58 6.72 27.82
C VAL E 14 10.22 8.10 28.36
N GLN E 15 9.35 8.14 29.37
CA GLN E 15 8.88 9.43 29.88
C GLN E 15 10.00 10.20 30.57
N SER E 16 10.90 9.49 31.25
CA SER E 16 12.03 10.15 31.90
C SER E 16 12.97 10.75 30.86
N VAL E 17 13.29 9.98 29.80
CA VAL E 17 14.14 10.51 28.75
C VAL E 17 13.50 11.75 28.12
N CYS E 18 12.18 11.72 27.95
CA CYS E 18 11.48 12.86 27.36
C CYS E 18 11.50 14.07 28.29
N LYS E 19 11.31 13.86 29.58
CA LYS E 19 11.39 14.95 30.53
C LYS E 19 12.76 15.61 30.48
N SER E 20 13.82 14.80 30.48
CA SER E 20 15.17 15.34 30.38
C SER E 20 15.34 16.15 29.10
N TYR E 21 14.91 15.58 27.97
CA TYR E 21 15.02 16.29 26.70
C TYR E 21 14.33 17.64 26.78
N ARG E 22 13.06 17.66 27.20
CA ARG E 22 12.33 18.91 27.30
C ARG E 22 13.07 19.91 28.20
N GLU E 23 13.66 19.42 29.29
CA GLU E 23 14.39 20.32 30.18
C GLU E 23 15.66 20.87 29.55
N THR E 24 16.23 20.19 28.56
CA THR E 24 17.50 20.61 27.97
C THR E 24 17.39 20.93 26.48
N CYS E 25 16.17 21.15 25.96
CA CYS E 25 15.99 21.37 24.54
C CYS E 25 16.38 22.77 24.09
N GLN E 26 16.87 23.62 24.99
CA GLN E 26 17.42 24.92 24.62
C GLN E 26 16.31 25.87 24.17
N LEU E 27 15.66 25.56 23.05
CA LEU E 27 14.53 26.33 22.54
C LEU E 27 13.31 25.44 22.44
N ARG E 28 12.16 25.99 22.82
CA ARG E 28 10.90 25.27 22.67
C ARG E 28 10.52 25.20 21.19
N LEU E 29 9.92 24.07 20.80
CA LEU E 29 9.53 23.90 19.39
C LEU E 29 8.42 24.87 19.00
N GLU E 30 7.48 25.13 19.92
CA GLU E 30 6.40 26.07 19.63
C GLU E 30 6.95 27.46 19.38
N ASP E 31 7.97 27.86 20.13
CA ASP E 31 8.59 29.17 19.90
C ASP E 31 9.20 29.25 18.50
N LEU E 32 9.87 28.18 18.07
CA LEU E 32 10.45 28.17 16.73
C LEU E 32 9.37 28.24 15.66
N LEU E 33 8.30 27.47 15.83
CA LEU E 33 7.22 27.49 14.84
C LEU E 33 6.52 28.84 14.79
N ARG E 34 6.44 29.54 15.93
CA ARG E 34 5.84 30.88 15.92
C ARG E 34 6.78 31.90 15.30
N GLN E 35 8.08 31.80 15.57
CA GLN E 35 9.05 32.71 14.99
C GLN E 35 9.24 32.48 13.50
N ARG E 36 8.80 31.32 12.98
CA ARG E 36 8.94 31.06 11.55
C ARG E 36 8.48 32.22 10.68
N SER E 37 7.51 33.01 11.15
CA SER E 37 6.99 34.15 10.39
C SER E 37 7.87 35.39 10.52
N ASN E 38 8.96 35.34 11.27
CA ASN E 38 9.83 36.48 11.52
C ASN E 38 11.13 36.24 10.74
N ILE E 39 11.21 36.81 9.53
CA ILE E 39 12.29 36.54 8.59
C ILE E 39 13.19 37.76 8.49
N PHE E 40 14.49 37.51 8.31
CA PHE E 40 15.44 38.60 8.15
C PHE E 40 15.16 39.36 6.86
N SER E 41 15.37 40.68 6.91
CA SER E 41 15.28 41.50 5.73
C SER E 41 16.55 41.38 4.89
N ARG E 42 16.42 41.74 3.61
CA ARG E 42 17.60 41.77 2.73
C ARG E 42 18.70 42.62 3.35
N GLU E 43 18.31 43.70 4.04
CA GLU E 43 19.31 44.58 4.65
C GLU E 43 20.04 43.88 5.79
N GLU E 44 19.31 43.16 6.64
CA GLU E 44 19.96 42.42 7.73
C GLU E 44 20.81 41.28 7.18
N VAL E 45 20.38 40.64 6.09
CA VAL E 45 21.18 39.59 5.47
C VAL E 45 22.50 40.15 4.96
N THR E 46 22.44 41.29 4.25
CA THR E 46 23.67 41.91 3.79
C THR E 46 24.53 42.37 4.97
N GLY E 47 23.90 42.78 6.07
CA GLY E 47 24.68 43.10 7.26
C GLY E 47 25.46 41.92 7.79
N TYR E 48 24.81 40.75 7.84
CA TYR E 48 25.54 39.54 8.25
C TYR E 48 26.64 39.20 7.26
N GLN E 49 26.37 39.35 5.97
CA GLN E 49 27.36 39.01 4.95
C GLN E 49 28.57 39.94 4.99
N ARG E 50 28.39 41.18 5.43
CA ARG E 50 29.50 42.13 5.50
C ARG E 50 30.46 41.84 6.66
N LYS E 51 30.06 41.00 7.61
CA LYS E 51 30.93 40.70 8.74
C LYS E 51 32.21 40.02 8.28
N SER E 52 33.21 40.03 9.14
CA SER E 52 34.46 39.36 8.85
C SER E 52 34.33 37.86 9.03
N MET E 53 35.14 37.11 8.28
CA MET E 53 35.17 35.66 8.45
C MET E 53 35.34 35.29 9.92
N TRP E 54 36.24 35.98 10.62
CA TRP E 54 36.49 35.65 12.02
C TRP E 54 35.26 35.90 12.87
N GLU E 55 34.63 37.07 12.71
CA GLU E 55 33.50 37.41 13.57
C GLU E 55 32.33 36.46 13.35
N MET E 56 32.04 36.13 12.10
CA MET E 56 30.96 35.20 11.80
C MET E 56 31.27 33.81 12.36
N TRP E 57 32.49 33.31 12.12
CA TRP E 57 32.85 32.01 12.66
C TRP E 57 32.85 32.01 14.19
N GLU E 58 33.18 33.14 14.80
CA GLU E 58 33.19 33.22 16.26
C GLU E 58 31.77 33.12 16.80
N ARG E 59 30.84 33.89 16.25
CA ARG E 59 29.44 33.77 16.65
C ARG E 59 28.94 32.34 16.47
N CYS E 60 29.24 31.74 15.31
CA CYS E 60 28.68 30.42 15.02
C CYS E 60 29.27 29.35 15.93
N ALA E 61 30.59 29.39 16.15
CA ALA E 61 31.22 28.43 17.06
C ALA E 61 30.74 28.65 18.49
N HIS E 62 30.40 29.87 18.86
CA HIS E 62 29.83 30.11 20.19
C HIS E 62 28.46 29.46 20.31
N HIS E 63 27.61 29.61 19.29
CA HIS E 63 26.30 28.96 19.34
C HIS E 63 26.45 27.43 19.38
N LEU E 64 27.40 26.90 18.61
CA LEU E 64 27.62 25.45 18.62
C LEU E 64 28.13 24.98 19.97
N THR E 65 28.99 25.78 20.62
CA THR E 65 29.50 25.43 21.94
C THR E 65 28.39 25.43 22.97
N GLU E 66 27.50 26.43 22.90
CA GLU E 66 26.33 26.45 23.78
C GLU E 66 25.47 25.21 23.57
N ALA E 67 25.25 24.83 22.30
CA ALA E 67 24.44 23.64 22.03
C ALA E 67 25.12 22.39 22.58
N ILE E 68 26.44 22.30 22.47
CA ILE E 68 27.16 21.17 23.06
C ILE E 68 26.95 21.14 24.57
N GLN E 69 27.00 22.31 25.20
CA GLN E 69 26.79 22.35 26.65
C GLN E 69 25.39 21.87 27.01
N TYR E 70 24.39 22.23 26.20
CA TYR E 70 23.03 21.76 26.46
C TYR E 70 22.93 20.25 26.27
N VAL E 71 23.60 19.71 25.25
CA VAL E 71 23.60 18.25 25.05
C VAL E 71 24.28 17.56 26.23
N VAL E 72 25.30 18.18 26.81
CA VAL E 72 25.96 17.60 27.97
C VAL E 72 25.01 17.61 29.16
N GLU E 73 24.28 18.70 29.36
CA GLU E 73 23.28 18.73 30.43
C GLU E 73 22.22 17.65 30.20
N PHE E 74 21.86 17.41 28.94
CA PHE E 74 20.90 16.35 28.62
C PHE E 74 21.44 14.99 29.03
N ALA E 75 22.69 14.70 28.64
CA ALA E 75 23.29 13.40 28.97
C ALA E 75 23.43 13.22 30.48
N LYS E 76 23.68 14.30 31.22
CA LYS E 76 23.78 14.19 32.66
C LYS E 76 22.44 13.88 33.32
N ARG E 77 21.33 14.02 32.59
CA ARG E 77 20.01 13.73 33.11
C ARG E 77 19.50 12.37 32.67
N LEU E 78 20.23 11.67 31.80
CA LEU E 78 19.86 10.31 31.40
C LEU E 78 20.23 9.34 32.50
N SER E 79 19.30 8.44 32.83
CA SER E 79 19.53 7.49 33.91
C SER E 79 20.73 6.61 33.61
N GLY E 80 21.67 6.55 34.56
CA GLY E 80 22.82 5.69 34.46
C GLY E 80 24.07 6.35 33.88
N PHE E 81 23.91 7.44 33.14
CA PHE E 81 25.08 8.07 32.50
C PHE E 81 26.06 8.58 33.55
N MET E 82 25.56 9.24 34.59
CA MET E 82 26.45 9.75 35.63
C MET E 82 27.02 8.64 36.50
N GLU E 83 26.45 7.45 36.46
CA GLU E 83 27.01 6.32 37.19
C GLU E 83 28.17 5.67 36.45
N LEU E 84 28.42 6.05 35.20
CA LEU E 84 29.60 5.61 34.48
C LEU E 84 30.82 6.38 34.98
N CYS E 85 31.98 5.76 34.82
CA CYS E 85 33.23 6.46 35.13
C CYS E 85 33.38 7.66 34.21
N GLN E 86 34.09 8.69 34.70
CA GLN E 86 34.24 9.91 33.93
C GLN E 86 34.79 9.64 32.52
N ASN E 87 35.71 8.68 32.40
CA ASN E 87 36.30 8.41 31.10
C ASN E 87 35.24 8.00 30.08
N ASP E 88 34.31 7.12 30.48
CA ASP E 88 33.27 6.69 29.56
C ASP E 88 32.32 7.84 29.22
N GLN E 89 31.96 8.64 30.22
CA GLN E 89 31.15 9.82 29.96
C GLN E 89 31.80 10.69 28.89
N ILE E 90 33.11 10.94 29.04
CA ILE E 90 33.80 11.86 28.15
C ILE E 90 33.94 11.25 26.76
N VAL E 91 34.22 9.96 26.67
CA VAL E 91 34.30 9.31 25.37
C VAL E 91 32.95 9.40 24.66
N LEU E 92 31.87 9.03 25.35
CA LEU E 92 30.55 9.04 24.73
C LEU E 92 30.19 10.45 24.25
N LEU E 93 30.41 11.46 25.10
CA LEU E 93 30.07 12.83 24.70
C LEU E 93 30.94 13.28 23.53
N LYS E 94 32.26 13.15 23.66
CA LYS E 94 33.15 13.50 22.57
C LYS E 94 32.71 12.85 21.26
N ALA E 95 32.16 11.64 21.32
CA ALA E 95 31.79 10.93 20.10
C ALA E 95 30.44 11.36 19.55
N GLY E 96 29.48 11.73 20.42
CA GLY E 96 28.12 11.93 19.95
C GLY E 96 27.51 13.31 20.10
N ALA E 97 28.18 14.23 20.80
CA ALA E 97 27.55 15.50 21.15
C ALA E 97 27.25 16.33 19.90
N MET E 98 28.22 16.42 18.98
CA MET E 98 28.00 17.27 17.81
C MET E 98 26.95 16.66 16.87
N GLU E 99 26.91 15.33 16.77
CA GLU E 99 25.85 14.69 16.01
C GLU E 99 24.48 14.98 16.62
N VAL E 100 24.39 14.93 17.95
CA VAL E 100 23.14 15.29 18.61
C VAL E 100 22.77 16.73 18.29
N VAL E 101 23.77 17.62 18.28
CA VAL E 101 23.50 19.03 17.98
C VAL E 101 22.93 19.16 16.57
N LEU E 102 23.53 18.45 15.62
CA LEU E 102 23.04 18.53 14.24
C LEU E 102 21.62 17.98 14.13
N VAL E 103 21.31 16.92 14.89
CA VAL E 103 19.95 16.38 14.88
C VAL E 103 18.98 17.40 15.45
N ARG E 104 19.31 17.97 16.62
CA ARG E 104 18.44 18.97 17.24
C ARG E 104 18.21 20.16 16.31
N MET E 105 19.21 20.50 15.50
CA MET E 105 19.09 21.70 14.67
C MET E 105 17.90 21.61 13.71
N CYS E 106 17.49 20.41 13.31
CA CYS E 106 16.39 20.29 12.36
C CYS E 106 15.09 20.88 12.91
N ARG E 107 15.00 21.09 14.22
CA ARG E 107 13.81 21.70 14.80
C ARG E 107 13.70 23.16 14.43
N ALA E 108 14.82 23.83 14.16
CA ALA E 108 14.85 25.23 13.81
C ALA E 108 14.88 25.47 12.31
N TYR E 109 14.75 24.41 11.51
CA TYR E 109 14.78 24.49 10.06
C TYR E 109 13.37 24.49 9.51
N ASN E 110 13.09 25.42 8.60
CA ASN E 110 11.79 25.55 7.96
C ASN E 110 11.94 25.12 6.49
N ALA E 111 11.44 23.94 6.17
CA ALA E 111 11.60 23.40 4.82
C ALA E 111 10.74 24.11 3.78
N ASP E 112 9.70 24.83 4.21
CA ASP E 112 8.82 25.49 3.25
C ASP E 112 9.53 26.65 2.57
N ASN E 113 10.32 27.43 3.32
CA ASN E 113 11.14 28.49 2.76
C ASN E 113 12.63 28.19 2.84
N ARG E 114 13.02 27.01 3.34
CA ARG E 114 14.42 26.60 3.42
C ARG E 114 15.24 27.64 4.19
N THR E 115 14.70 28.10 5.31
CA THR E 115 15.36 29.04 6.19
C THR E 115 15.58 28.40 7.55
N VAL E 116 16.45 29.02 8.35
CA VAL E 116 16.80 28.52 9.67
C VAL E 116 16.76 29.69 10.65
N PHE E 117 16.49 29.36 11.91
CA PHE E 117 16.40 30.36 12.98
C PHE E 117 17.79 30.68 13.48
N PHE E 118 18.30 31.86 13.12
CA PHE E 118 19.59 32.35 13.56
C PHE E 118 19.38 33.66 14.31
N GLU E 119 20.02 33.76 15.47
CA GLU E 119 20.06 34.98 16.28
C GLU E 119 18.81 35.84 16.16
N GLY E 120 17.65 35.26 16.46
CA GLY E 120 16.43 36.01 16.64
C GLY E 120 15.44 35.91 15.50
N LYS E 121 15.87 35.62 14.28
CA LYS E 121 14.96 35.57 13.15
C LYS E 121 15.37 34.44 12.21
N TYR E 122 14.54 34.21 11.19
CA TYR E 122 14.82 33.18 10.20
C TYR E 122 15.51 33.80 8.98
N GLY E 123 16.41 33.02 8.40
CA GLY E 123 17.08 33.44 7.17
C GLY E 123 17.61 32.24 6.43
N GLY E 124 17.82 32.43 5.14
CA GLY E 124 18.29 31.37 4.27
C GLY E 124 19.78 31.10 4.43
N MET E 125 20.29 30.28 3.51
CA MET E 125 21.71 29.94 3.54
C MET E 125 22.58 31.19 3.39
N GLU E 126 22.12 32.14 2.57
CA GLU E 126 22.80 33.42 2.35
C GLU E 126 23.39 33.99 3.63
N LEU E 127 22.64 33.90 4.73
CA LEU E 127 23.06 34.42 6.04
C LEU E 127 24.52 34.17 6.36
N PHE E 128 25.06 33.04 5.89
CA PHE E 128 26.36 32.56 6.35
C PHE E 128 27.45 32.70 5.28
N ARG E 129 27.24 33.55 4.27
CA ARG E 129 28.23 33.70 3.22
C ARG E 129 29.58 34.13 3.76
N ALA E 130 29.61 34.77 4.94
CA ALA E 130 30.88 35.21 5.51
C ALA E 130 31.74 34.07 6.03
N LEU E 131 31.21 32.84 6.07
CA LEU E 131 31.97 31.71 6.58
C LEU E 131 32.87 31.07 5.52
N GLY E 132 32.66 31.38 4.25
CA GLY E 132 33.55 30.89 3.21
C GLY E 132 33.68 29.39 3.15
N CYS E 133 32.64 28.66 3.55
CA CYS E 133 32.63 27.19 3.49
C CYS E 133 31.33 26.74 2.81
N SER E 134 31.14 27.22 1.58
CA SER E 134 29.89 26.97 0.87
C SER E 134 29.54 25.48 0.85
N GLU E 135 30.52 24.62 0.61
CA GLU E 135 30.25 23.20 0.52
C GLU E 135 29.72 22.65 1.85
N LEU E 136 30.39 23.01 2.95
CA LEU E 136 29.95 22.53 4.26
C LEU E 136 28.57 23.07 4.60
N ILE E 137 28.35 24.36 4.37
CA ILE E 137 27.06 24.97 4.70
C ILE E 137 25.94 24.31 3.91
N SER E 138 26.16 24.13 2.60
CA SER E 138 25.15 23.50 1.76
C SER E 138 24.90 22.06 2.18
N SER E 139 25.95 21.34 2.57
CA SER E 139 25.77 19.97 3.04
C SER E 139 24.92 19.94 4.29
N ILE E 140 25.18 20.85 5.24
CA ILE E 140 24.41 20.86 6.48
C ILE E 140 22.96 21.26 6.21
N PHE E 141 22.74 22.17 5.26
CA PHE E 141 21.37 22.55 4.92
C PHE E 141 20.62 21.39 4.28
N ASP E 142 21.29 20.66 3.38
CA ASP E 142 20.66 19.48 2.78
C ASP E 142 20.35 18.43 3.85
N PHE E 143 21.26 18.24 4.81
CA PHE E 143 21.01 17.29 5.89
C PHE E 143 19.81 17.71 6.73
N SER E 144 19.73 19.00 7.08
CA SER E 144 18.58 19.47 7.86
C SER E 144 17.28 19.30 7.08
N HIS E 145 17.32 19.58 5.77
CA HIS E 145 16.14 19.36 4.94
C HIS E 145 15.70 17.90 4.98
N SER E 146 16.63 16.99 4.69
CA SER E 146 16.30 15.57 4.68
C SER E 146 15.75 15.12 6.02
N LEU E 147 16.43 15.49 7.11
CA LEU E 147 16.00 15.04 8.43
C LEU E 147 14.63 15.60 8.80
N SER E 148 14.40 16.88 8.52
CA SER E 148 13.09 17.47 8.82
C SER E 148 12.00 16.83 7.97
N ALA E 149 12.35 16.32 6.79
CA ALA E 149 11.33 15.68 5.95
C ALA E 149 10.67 14.51 6.68
N LEU E 150 11.40 13.82 7.56
CA LEU E 150 10.84 12.69 8.28
C LEU E 150 9.89 13.11 9.41
N HIS E 151 9.91 14.38 9.80
CA HIS E 151 8.99 14.90 10.80
C HIS E 151 9.15 14.20 12.15
N PHE E 152 10.41 14.09 12.58
CA PHE E 152 10.70 13.56 13.92
C PHE E 152 9.97 14.37 14.97
N SER E 153 9.11 13.71 15.74
CA SER E 153 8.47 14.37 16.87
C SER E 153 9.50 14.61 17.98
N GLU E 154 9.05 15.23 19.07
CA GLU E 154 9.97 15.58 20.14
C GLU E 154 10.41 14.34 20.92
N ASP E 155 9.48 13.42 21.19
CA ASP E 155 9.85 12.18 21.86
C ASP E 155 10.83 11.37 21.02
N GLU E 156 10.60 11.36 19.69
CA GLU E 156 11.51 10.63 18.81
C GLU E 156 12.90 11.27 18.82
N ILE E 157 12.97 12.60 18.81
CA ILE E 157 14.27 13.27 18.89
C ILE E 157 14.96 12.92 20.20
N ALA E 158 14.22 12.97 21.31
CA ALA E 158 14.81 12.64 22.60
C ALA E 158 15.40 11.23 22.59
N LEU E 159 14.61 10.24 22.18
CA LEU E 159 15.05 8.85 22.27
C LEU E 159 16.18 8.58 21.29
N TYR E 160 16.09 9.12 20.07
CA TYR E 160 17.12 8.86 19.07
C TYR E 160 18.44 9.51 19.49
N THR E 161 18.42 10.74 19.99
CA THR E 161 19.67 11.38 20.40
C THR E 161 20.25 10.71 21.64
N ALA E 162 19.38 10.25 22.55
CA ALA E 162 19.88 9.49 23.69
C ALA E 162 20.59 8.22 23.23
N LEU E 163 20.09 7.58 22.17
CA LEU E 163 20.77 6.42 21.62
C LEU E 163 22.06 6.81 20.90
N VAL E 164 22.04 7.96 20.22
CA VAL E 164 23.25 8.44 19.57
C VAL E 164 24.36 8.59 20.59
N LEU E 165 24.02 9.08 21.79
CA LEU E 165 25.05 9.30 22.81
C LEU E 165 25.46 8.00 23.48
N ILE E 166 24.49 7.17 23.86
CA ILE E 166 24.77 5.93 24.59
C ILE E 166 25.02 4.85 23.55
N ASN E 167 26.29 4.72 23.16
CA ASN E 167 26.72 3.76 22.15
C ASN E 167 27.89 2.98 22.72
N ALA E 168 27.71 1.66 22.88
CA ALA E 168 28.71 0.83 23.52
C ALA E 168 29.89 0.48 22.62
N HIS E 169 29.87 0.94 21.36
CA HIS E 169 30.91 0.60 20.39
C HIS E 169 31.94 1.71 20.22
N ARG E 170 31.87 2.77 21.01
CA ARG E 170 32.84 3.85 20.89
C ARG E 170 34.21 3.36 21.35
N PRO E 171 35.26 3.56 20.56
CA PRO E 171 36.61 3.21 21.05
C PRO E 171 36.99 4.06 22.25
N GLY E 172 37.48 3.40 23.30
CA GLY E 172 37.97 4.07 24.49
C GLY E 172 37.16 3.81 25.75
N LEU E 173 35.98 3.20 25.65
CA LEU E 173 35.20 2.91 26.84
C LEU E 173 35.94 1.92 27.73
N GLN E 174 35.80 2.10 29.05
CA GLN E 174 36.40 1.22 30.04
C GLN E 174 35.38 0.41 30.81
N GLU E 175 34.08 0.65 30.59
CA GLU E 175 33.00 -0.13 31.19
C GLU E 175 32.00 -0.47 30.08
N LYS E 176 32.44 -1.30 29.14
CA LYS E 176 31.60 -1.64 28.00
C LYS E 176 30.27 -2.24 28.43
N ARG E 177 30.25 -2.99 29.52
CA ARG E 177 29.03 -3.70 29.90
C ARG E 177 27.96 -2.75 30.43
N LYS E 178 28.37 -1.77 31.25
CA LYS E 178 27.41 -0.77 31.74
C LYS E 178 26.79 -0.01 30.58
N VAL E 179 27.62 0.44 29.64
CA VAL E 179 27.10 1.15 28.48
C VAL E 179 26.23 0.24 27.63
N GLU E 180 26.60 -1.02 27.52
CA GLU E 180 25.77 -1.98 26.77
C GLU E 180 24.39 -2.09 27.37
N GLN E 181 24.31 -2.20 28.70
CA GLN E 181 23.02 -2.33 29.35
C GLN E 181 22.20 -1.06 29.18
N LEU E 182 22.83 0.11 29.32
CA LEU E 182 22.10 1.36 29.11
C LEU E 182 21.58 1.46 27.68
N GLN E 183 22.43 1.11 26.70
CA GLN E 183 22.00 1.15 25.31
C GLN E 183 20.86 0.18 25.06
N TYR E 184 20.92 -1.01 25.64
CA TYR E 184 19.86 -2.00 25.45
C TYR E 184 18.54 -1.50 26.04
N ASN E 185 18.58 -0.92 27.22
CA ASN E 185 17.35 -0.38 27.82
C ASN E 185 16.77 0.73 26.95
N LEU E 186 17.62 1.65 26.48
CA LEU E 186 17.13 2.72 25.61
C LEU E 186 16.57 2.17 24.32
N GLU E 187 17.17 1.10 23.78
CA GLU E 187 16.67 0.52 22.55
C GLU E 187 15.31 -0.13 22.76
N LEU E 188 15.13 -0.83 23.88
CA LEU E 188 13.81 -1.36 24.21
C LEU E 188 12.78 -0.24 24.32
N ALA E 189 13.14 0.84 25.02
CA ALA E 189 12.23 1.97 25.16
C ALA E 189 11.82 2.54 23.82
N PHE E 190 12.80 2.82 22.95
CA PHE E 190 12.48 3.42 21.66
C PHE E 190 11.72 2.46 20.78
N HIS E 191 12.00 1.16 20.88
CA HIS E 191 11.23 0.16 20.14
C HIS E 191 9.77 0.18 20.56
N HIS E 192 9.52 0.13 21.86
CA HIS E 192 8.16 0.22 22.37
C HIS E 192 7.46 1.47 21.86
N HIS E 193 8.15 2.61 21.88
CA HIS E 193 7.51 3.85 21.45
C HIS E 193 7.20 3.82 19.96
N LEU E 194 8.17 3.38 19.14
CA LEU E 194 7.94 3.34 17.70
C LEU E 194 6.81 2.37 17.35
N CYS E 195 6.68 1.27 18.09
CA CYS E 195 5.56 0.37 17.87
C CYS E 195 4.24 1.02 18.27
N LYS E 196 4.21 1.69 19.42
CA LYS E 196 3.01 2.42 19.83
C LYS E 196 2.56 3.38 18.75
N THR E 197 3.50 4.12 18.17
CA THR E 197 3.19 5.17 17.20
C THR E 197 3.16 4.67 15.76
N HIS E 198 3.47 3.38 15.52
CA HIS E 198 3.51 2.83 14.16
C HIS E 198 4.56 3.54 13.31
N ARG E 199 5.74 3.78 13.90
CA ARG E 199 6.81 4.52 13.27
C ARG E 199 8.09 3.71 13.18
N GLN E 200 7.96 2.38 13.06
CA GLN E 200 9.13 1.51 13.14
C GLN E 200 10.11 1.78 12.00
N SER E 201 9.62 2.24 10.86
CA SER E 201 10.40 2.31 9.63
C SER E 201 11.20 3.60 9.47
N ILE E 202 11.19 4.49 10.47
CA ILE E 202 11.79 5.81 10.27
C ILE E 202 13.31 5.74 10.36
N LEU E 203 13.85 4.90 11.25
CA LEU E 203 15.29 4.89 11.47
C LEU E 203 16.07 4.38 10.26
N ALA E 204 15.40 3.83 9.26
CA ALA E 204 16.06 3.42 8.02
C ALA E 204 16.19 4.55 7.02
N LYS E 205 15.50 5.67 7.24
CA LYS E 205 15.50 6.82 6.33
C LYS E 205 16.43 7.93 6.79
N LEU E 206 17.40 7.62 7.65
CA LEU E 206 18.21 8.67 8.26
C LEU E 206 19.42 8.98 7.39
N PRO E 207 19.70 10.25 7.09
CA PRO E 207 20.94 10.59 6.39
C PRO E 207 22.13 10.54 7.33
N PRO E 208 23.33 10.27 6.82
CA PRO E 208 24.50 10.20 7.69
C PRO E 208 24.89 11.56 8.23
N ALA E 209 25.20 11.60 9.53
CA ALA E 209 25.61 12.83 10.20
C ALA E 209 27.05 12.80 10.71
N GLY E 210 27.73 11.66 10.60
CA GLY E 210 29.06 11.53 11.16
C GLY E 210 30.06 12.56 10.69
N LYS E 211 30.26 12.66 9.37
CA LYS E 211 31.31 13.53 8.86
C LYS E 211 30.96 15.00 8.99
N LEU E 212 29.67 15.35 8.87
CA LEU E 212 29.26 16.73 9.11
C LEU E 212 29.59 17.16 10.54
N ALA E 213 29.23 16.32 11.51
CA ALA E 213 29.56 16.59 12.90
C ALA E 213 31.07 16.68 13.10
N SER E 214 31.82 15.79 12.44
CA SER E 214 33.27 15.83 12.56
C SER E 214 33.82 17.17 12.08
N LEU E 215 33.34 17.65 10.93
CA LEU E 215 33.85 18.91 10.40
C LEU E 215 33.46 20.09 11.29
N CYS E 216 32.24 20.07 11.83
CA CYS E 216 31.84 21.15 12.75
C CYS E 216 32.74 21.17 13.97
N SER E 217 33.02 19.99 14.55
CA SER E 217 33.92 19.93 15.69
C SER E 217 35.32 20.38 15.32
N GLN E 218 35.77 20.08 14.09
CA GLN E 218 37.08 20.54 13.65
C GLN E 218 37.13 22.06 13.62
N HIS E 219 36.07 22.69 13.10
CA HIS E 219 36.05 24.15 13.07
C HIS E 219 36.05 24.74 14.47
N VAL E 220 35.29 24.13 15.39
CA VAL E 220 35.30 24.60 16.77
C VAL E 220 36.70 24.52 17.36
N GLU E 221 37.36 23.37 17.18
CA GLU E 221 38.72 23.22 17.70
C GLU E 221 39.67 24.24 17.08
N ARG E 222 39.57 24.44 15.77
CA ARG E 222 40.40 25.43 15.09
C ARG E 222 40.24 26.80 15.73
N LEU E 223 38.99 27.26 15.86
CA LEU E 223 38.77 28.56 16.47
C LEU E 223 39.35 28.63 17.88
N GLN E 224 39.27 27.52 18.63
CA GLN E 224 39.89 27.50 19.95
C GLN E 224 41.40 27.67 19.87
N ILE E 225 42.03 27.03 18.88
CA ILE E 225 43.49 26.93 18.87
C ILE E 225 44.12 28.28 18.53
N PHE E 226 43.70 28.88 17.42
CA PHE E 226 44.32 30.10 16.92
C PHE E 226 43.69 31.37 17.50
N GLN E 227 43.08 31.28 18.68
CA GLN E 227 42.40 32.45 19.25
C GLN E 227 43.37 33.59 19.52
N HIS E 228 44.63 33.29 19.82
CA HIS E 228 45.60 34.34 20.09
C HIS E 228 45.95 35.14 18.84
N LEU E 229 45.67 34.60 17.64
CA LEU E 229 45.89 35.32 16.40
C LEU E 229 44.73 36.24 16.03
N HIS E 230 43.71 36.34 16.86
CA HIS E 230 42.50 37.11 16.58
C HIS E 230 42.15 37.98 17.77
N PRO E 231 41.20 38.92 17.60
CA PRO E 231 40.85 39.82 18.71
C PRO E 231 40.24 39.10 19.90
N ILE E 232 39.89 39.87 20.93
CA ILE E 232 39.30 39.32 22.15
C ILE E 232 37.81 39.59 22.16
N THR F 1 35.09 15.06 19.38
CA THR F 1 35.85 14.21 18.47
C THR F 1 37.33 14.62 18.44
N ASN F 2 37.65 15.75 19.07
CA ASN F 2 39.02 16.24 19.13
C ASN F 2 39.25 16.90 20.48
N MET F 3 40.39 17.58 20.63
CA MET F 3 40.79 18.10 21.93
C MET F 3 39.92 19.26 22.39
N GLY F 4 39.54 20.15 21.47
CA GLY F 4 38.74 21.30 21.85
C GLY F 4 37.37 20.90 22.37
N LEU F 5 36.67 20.04 21.64
CA LEU F 5 35.38 19.55 22.09
C LEU F 5 35.52 18.79 23.41
N GLU F 6 36.64 18.07 23.57
CA GLU F 6 36.86 17.35 24.82
C GLU F 6 37.03 18.32 25.98
N ALA F 7 37.72 19.43 25.76
CA ALA F 7 37.85 20.44 26.82
C ALA F 7 36.50 21.05 27.17
N ILE F 8 35.71 21.40 26.15
CA ILE F 8 34.37 21.91 26.40
C ILE F 8 33.58 20.92 27.23
N ILE F 9 33.66 19.63 26.89
CA ILE F 9 32.87 18.61 27.57
C ILE F 9 33.36 18.44 29.01
N ARG F 10 34.67 18.46 29.24
CA ARG F 10 35.18 18.34 30.60
C ARG F 10 34.73 19.50 31.46
N LYS F 11 34.86 20.72 30.94
CA LYS F 11 34.41 21.90 31.68
C LYS F 11 32.91 21.81 31.98
N ALA F 12 32.13 21.27 31.05
CA ALA F 12 30.69 21.17 31.27
C ALA F 12 30.35 20.08 32.29
N LEU F 13 31.09 18.97 32.28
CA LEU F 13 30.81 17.86 33.18
C LEU F 13 31.18 18.21 34.62
N MET F 14 32.37 18.79 34.81
CA MET F 14 32.81 19.18 36.14
C MET F 14 32.28 20.56 36.55
N GLY F 15 31.23 21.05 35.90
CA GLY F 15 30.64 22.34 36.23
C GLY F 15 29.12 22.28 36.32
N SER G 6 -5.27 51.97 32.14
CA SER G 6 -3.90 51.92 32.63
C SER G 6 -3.21 50.62 32.20
N LEU G 7 -1.90 50.71 31.93
CA LEU G 7 -1.14 49.54 31.52
C LEU G 7 -1.29 48.40 32.52
N THR G 8 -1.13 48.71 33.81
CA THR G 8 -1.27 47.68 34.83
C THR G 8 -2.65 47.04 34.77
N GLU G 9 -3.69 47.84 34.56
CA GLU G 9 -5.04 47.27 34.47
C GLU G 9 -5.22 46.43 33.22
N ILE G 10 -4.60 46.82 32.10
CA ILE G 10 -4.69 46.01 30.89
C ILE G 10 -4.02 44.66 31.11
N GLU G 11 -2.84 44.66 31.74
CA GLU G 11 -2.18 43.39 32.03
C GLU G 11 -3.01 42.56 33.02
N HIS G 12 -3.67 43.22 33.97
CA HIS G 12 -4.53 42.50 34.89
C HIS G 12 -5.69 41.85 34.15
N LEU G 13 -6.26 42.56 33.17
CA LEU G 13 -7.35 41.96 32.40
C LEU G 13 -6.86 40.79 31.56
N VAL G 14 -5.66 40.91 30.99
CA VAL G 14 -5.10 39.79 30.23
C VAL G 14 -4.95 38.57 31.13
N GLN G 15 -4.33 38.77 32.30
CA GLN G 15 -4.18 37.67 33.25
C GLN G 15 -5.54 37.11 33.65
N SER G 16 -6.53 37.99 33.82
CA SER G 16 -7.86 37.54 34.23
C SER G 16 -8.48 36.64 33.18
N VAL G 17 -8.46 37.06 31.92
CA VAL G 17 -9.03 36.27 30.84
C VAL G 17 -8.28 34.93 30.72
N CYS G 18 -6.96 34.96 30.85
CA CYS G 18 -6.19 33.73 30.71
C CYS G 18 -6.47 32.76 31.85
N LYS G 19 -6.60 33.26 33.07
CA LYS G 19 -6.96 32.41 34.20
C LYS G 19 -8.37 31.84 34.02
N SER G 20 -9.31 32.67 33.58
CA SER G 20 -10.66 32.18 33.32
C SER G 20 -10.63 31.05 32.30
N TYR G 21 -9.83 31.21 31.24
CA TYR G 21 -9.74 30.17 30.22
C TYR G 21 -9.14 28.90 30.79
N ARG G 22 -8.07 29.01 31.58
CA ARG G 22 -7.43 27.82 32.12
C ARG G 22 -8.32 27.12 33.14
N GLU G 23 -9.16 27.87 33.87
CA GLU G 23 -10.07 27.24 34.83
C GLU G 23 -11.20 26.49 34.15
N THR G 24 -11.44 26.73 32.86
CA THR G 24 -12.55 26.11 32.14
C THR G 24 -12.09 25.47 30.84
N CYS G 25 -10.79 25.21 30.68
CA CYS G 25 -10.27 24.63 29.46
C CYS G 25 -10.54 23.13 29.34
N GLN G 26 -11.31 22.56 30.27
CA GLN G 26 -11.78 21.19 30.15
C GLN G 26 -10.62 20.19 30.20
N LEU G 27 -9.73 20.26 29.21
CA LEU G 27 -8.58 19.38 29.12
C LEU G 27 -7.30 20.21 29.12
N ARG G 28 -6.37 19.85 29.99
CA ARG G 28 -5.08 20.53 30.02
C ARG G 28 -4.29 20.23 28.75
N LEU G 29 -3.65 21.27 28.22
CA LEU G 29 -2.86 21.10 27.00
C LEU G 29 -1.74 20.09 27.21
N GLU G 30 -1.14 20.07 28.40
CA GLU G 30 -0.04 19.15 28.67
C GLU G 30 -0.50 17.69 28.53
N ASP G 31 -1.69 17.38 29.06
CA ASP G 31 -2.21 16.02 28.94
C ASP G 31 -2.51 15.67 27.50
N LEU G 32 -3.09 16.61 26.75
CA LEU G 32 -3.42 16.35 25.35
C LEU G 32 -2.15 16.13 24.53
N LEU G 33 -1.04 16.76 24.90
CA LEU G 33 0.22 16.51 24.21
C LEU G 33 0.83 15.17 24.64
N ARG G 34 0.72 14.83 25.93
CA ARG G 34 1.29 13.58 26.41
C ARG G 34 0.59 12.38 25.78
N GLN G 35 -0.74 12.43 25.67
CA GLN G 35 -1.49 11.30 25.14
C GLN G 35 -1.33 11.12 23.63
N ARG G 36 -0.50 11.92 22.97
CA ARG G 36 -0.36 11.81 21.52
C ARG G 36 0.19 10.45 21.10
N SER G 37 1.09 9.88 21.89
CA SER G 37 1.68 8.59 21.55
C SER G 37 0.73 7.42 21.80
N ASN G 38 -0.46 7.66 22.35
CA ASN G 38 -1.44 6.63 22.63
C ASN G 38 -2.50 6.67 21.54
N ILE G 39 -2.43 5.71 20.61
CA ILE G 39 -3.23 5.72 19.39
C ILE G 39 -4.15 4.51 19.39
N PHE G 40 -5.25 4.63 18.64
CA PHE G 40 -6.19 3.54 18.48
C PHE G 40 -5.64 2.50 17.51
N SER G 41 -5.73 1.23 17.89
CA SER G 41 -5.42 0.15 16.96
C SER G 41 -6.52 0.03 15.92
N ARG G 42 -6.23 -0.71 14.85
CA ARG G 42 -7.23 -0.93 13.81
C ARG G 42 -8.47 -1.63 14.37
N GLU G 43 -8.30 -2.45 15.41
CA GLU G 43 -9.44 -3.15 16.00
C GLU G 43 -10.39 -2.16 16.67
N GLU G 44 -9.85 -1.25 17.48
CA GLU G 44 -10.70 -0.24 18.12
C GLU G 44 -11.35 0.66 17.09
N VAL G 45 -10.63 0.99 16.02
CA VAL G 45 -11.20 1.81 14.96
C VAL G 45 -12.39 1.10 14.32
N THR G 46 -12.20 -0.16 13.93
CA THR G 46 -13.32 -0.92 13.38
C THR G 46 -14.48 -1.00 14.36
N GLY G 47 -14.17 -1.15 15.65
CA GLY G 47 -15.22 -1.19 16.66
C GLY G 47 -16.05 0.09 16.67
N TYR G 48 -15.38 1.24 16.57
CA TYR G 48 -16.11 2.49 16.48
C TYR G 48 -16.91 2.58 15.19
N GLN G 49 -16.35 2.09 14.08
CA GLN G 49 -17.06 2.12 12.81
C GLN G 49 -18.29 1.23 12.83
N ARG G 50 -18.18 0.05 13.47
CA ARG G 50 -19.31 -0.87 13.54
C ARG G 50 -20.49 -0.29 14.32
N LYS G 51 -20.29 0.79 15.06
CA LYS G 51 -21.37 1.37 15.85
C LYS G 51 -22.49 1.88 14.95
N SER G 52 -23.69 1.96 15.53
CA SER G 52 -24.82 2.53 14.80
C SER G 52 -24.64 4.03 14.66
N MET G 53 -25.19 4.58 13.57
CA MET G 53 -25.13 6.02 13.35
C MET G 53 -25.63 6.77 14.58
N TRP G 54 -26.77 6.36 15.13
CA TRP G 54 -27.35 7.08 16.26
C TRP G 54 -26.45 7.06 17.47
N GLU G 55 -25.82 5.93 17.77
CA GLU G 55 -24.97 5.83 18.94
C GLU G 55 -23.77 6.76 18.83
N MET G 56 -23.11 6.74 17.67
CA MET G 56 -21.97 7.63 17.44
C MET G 56 -22.40 9.09 17.56
N TRP G 57 -23.53 9.44 16.96
CA TRP G 57 -24.00 10.82 17.04
C TRP G 57 -24.34 11.20 18.48
N GLU G 58 -24.90 10.28 19.25
CA GLU G 58 -25.22 10.58 20.64
C GLU G 58 -23.96 10.84 21.44
N ARG G 59 -22.94 10.01 21.27
CA ARG G 59 -21.66 10.22 21.97
C ARG G 59 -21.07 11.58 21.61
N CYS G 60 -20.96 11.87 20.31
CA CYS G 60 -20.37 13.13 19.88
C CYS G 60 -21.20 14.32 20.36
N ALA G 61 -22.52 14.17 20.41
CA ALA G 61 -23.37 15.25 20.89
C ALA G 61 -23.20 15.47 22.38
N HIS G 62 -23.02 14.40 23.15
CA HIS G 62 -22.71 14.57 24.56
C HIS G 62 -21.41 15.31 24.76
N HIS G 63 -20.39 14.96 23.96
CA HIS G 63 -19.11 15.67 24.04
C HIS G 63 -19.28 17.14 23.72
N LEU G 64 -19.97 17.45 22.61
CA LEU G 64 -20.18 18.85 22.22
C LEU G 64 -20.97 19.60 23.27
N THR G 65 -21.93 18.94 23.94
CA THR G 65 -22.73 19.60 24.95
C THR G 65 -21.90 19.92 26.19
N GLU G 66 -21.05 18.97 26.61
CA GLU G 66 -20.13 19.27 27.70
C GLU G 66 -19.22 20.43 27.33
N ALA G 67 -18.75 20.47 26.09
CA ALA G 67 -17.90 21.58 25.66
C ALA G 67 -18.65 22.90 25.73
N ILE G 68 -19.90 22.91 25.28
CA ILE G 68 -20.70 24.13 25.35
C ILE G 68 -20.87 24.58 26.80
N GLN G 69 -21.08 23.62 27.71
CA GLN G 69 -21.23 23.98 29.12
C GLN G 69 -19.94 24.60 29.66
N TYR G 70 -18.79 24.05 29.29
CA TYR G 70 -17.53 24.63 29.73
C TYR G 70 -17.35 26.03 29.16
N VAL G 71 -17.77 26.26 27.91
CA VAL G 71 -17.71 27.61 27.35
C VAL G 71 -18.64 28.56 28.10
N VAL G 72 -19.78 28.06 28.57
CA VAL G 72 -20.68 28.89 29.36
C VAL G 72 -20.01 29.30 30.66
N GLU G 73 -19.37 28.34 31.33
CA GLU G 73 -18.64 28.67 32.56
C GLU G 73 -17.51 29.65 32.28
N PHE G 74 -16.85 29.51 31.14
CA PHE G 74 -15.82 30.48 30.74
C PHE G 74 -16.42 31.88 30.63
N ALA G 75 -17.52 32.00 29.88
CA ALA G 75 -18.22 33.28 29.78
C ALA G 75 -18.50 33.85 31.17
N LYS G 76 -19.11 33.04 32.04
CA LYS G 76 -19.44 33.53 33.39
C LYS G 76 -18.25 34.15 34.09
N ARG G 77 -17.03 33.72 33.75
CA ARG G 77 -15.84 34.19 34.45
C ARG G 77 -15.27 35.46 33.85
N LEU G 78 -15.79 35.94 32.72
CA LEU G 78 -15.35 37.20 32.14
C LEU G 78 -15.99 38.37 32.87
N SER G 79 -15.17 39.32 33.29
CA SER G 79 -15.66 40.46 34.06
C SER G 79 -16.69 41.25 33.26
N GLY G 80 -17.86 41.45 33.87
CA GLY G 80 -18.94 42.20 33.26
C GLY G 80 -20.00 41.36 32.59
N PHE G 81 -19.70 40.10 32.28
CA PHE G 81 -20.67 39.27 31.56
C PHE G 81 -21.91 39.02 32.40
N MET G 82 -21.74 38.66 33.67
CA MET G 82 -22.89 38.45 34.54
C MET G 82 -23.60 39.76 34.86
N GLU G 83 -22.96 40.90 34.63
CA GLU G 83 -23.63 42.19 34.75
C GLU G 83 -24.55 42.47 33.58
N LEU G 84 -24.37 41.76 32.47
CA LEU G 84 -25.31 41.85 31.36
C LEU G 84 -26.64 41.19 31.74
N CYS G 85 -27.69 41.58 31.04
CA CYS G 85 -29.00 41.00 31.29
C CYS G 85 -29.05 39.57 30.72
N GLN G 86 -29.88 38.74 31.36
CA GLN G 86 -30.01 37.34 30.95
C GLN G 86 -30.14 37.21 29.44
N ASN G 87 -30.99 38.05 28.83
CA ASN G 87 -31.21 37.97 27.40
C ASN G 87 -29.91 38.16 26.62
N ASP G 88 -29.09 39.13 27.02
CA ASP G 88 -27.85 39.38 26.30
C ASP G 88 -26.84 38.24 26.51
N GLN G 89 -26.77 37.71 27.73
CA GLN G 89 -25.95 36.53 27.98
C GLN G 89 -26.33 35.40 27.03
N ILE G 90 -27.62 35.08 26.95
CA ILE G 90 -28.07 33.98 26.13
C ILE G 90 -27.78 34.26 24.66
N VAL G 91 -28.00 35.50 24.21
CA VAL G 91 -27.78 35.82 22.80
C VAL G 91 -26.30 35.64 22.45
N LEU G 92 -25.41 36.17 23.29
CA LEU G 92 -23.98 36.06 23.02
C LEU G 92 -23.53 34.61 23.00
N LEU G 93 -23.98 33.81 23.97
CA LEU G 93 -23.59 32.41 23.99
C LEU G 93 -24.15 31.67 22.77
N LYS G 94 -25.44 31.82 22.51
CA LYS G 94 -26.03 31.20 21.31
C LYS G 94 -25.23 31.53 20.06
N ALA G 95 -24.76 32.78 19.96
CA ALA G 95 -24.07 33.19 18.75
C ALA G 95 -22.64 32.64 18.66
N GLY G 96 -21.93 32.55 19.79
CA GLY G 96 -20.50 32.28 19.73
C GLY G 96 -19.97 31.00 20.35
N ALA G 97 -20.77 30.31 21.15
CA ALA G 97 -20.23 29.21 21.97
C ALA G 97 -19.72 28.07 21.11
N MET G 98 -20.43 27.73 20.03
CA MET G 98 -20.00 26.60 19.22
C MET G 98 -18.71 26.92 18.48
N GLU G 99 -18.56 28.17 18.02
CA GLU G 99 -17.30 28.58 17.39
C GLU G 99 -16.16 28.52 18.40
N VAL G 100 -16.43 28.94 19.64
CA VAL G 100 -15.40 28.84 20.68
C VAL G 100 -15.02 27.38 20.89
N VAL G 101 -16.00 26.48 20.89
CA VAL G 101 -15.72 25.05 21.02
C VAL G 101 -14.84 24.57 19.87
N LEU G 102 -15.15 24.99 18.65
CA LEU G 102 -14.36 24.54 17.50
C LEU G 102 -12.92 25.04 17.62
N VAL G 103 -12.74 26.28 18.06
CA VAL G 103 -11.39 26.81 18.28
C VAL G 103 -10.66 25.96 19.32
N ARG G 104 -11.30 25.72 20.46
CA ARG G 104 -10.67 24.91 21.51
C ARG G 104 -10.31 23.53 20.99
N MET G 105 -11.11 22.97 20.08
CA MET G 105 -10.87 21.62 19.59
C MET G 105 -9.47 21.48 18.99
N CYS G 106 -8.93 22.55 18.40
CA CYS G 106 -7.63 22.47 17.77
C CYS G 106 -6.53 22.07 18.76
N ARG G 107 -6.74 22.31 20.06
CA ARG G 107 -5.75 21.94 21.05
C ARG G 107 -5.59 20.42 21.12
N ALA G 108 -6.65 19.67 20.84
CA ALA G 108 -6.60 18.21 20.83
C ALA G 108 -6.34 17.64 19.44
N TYR G 109 -5.94 18.48 18.49
CA TYR G 109 -5.66 18.04 17.13
C TYR G 109 -4.15 17.96 16.92
N ASN G 110 -3.68 16.80 16.45
CA ASN G 110 -2.27 16.59 16.13
C ASN G 110 -2.10 16.72 14.63
N ALA G 111 -1.37 17.75 14.20
CA ALA G 111 -1.15 17.97 12.77
C ALA G 111 -0.17 16.98 12.17
N ASP G 112 0.71 16.39 12.98
CA ASP G 112 1.69 15.44 12.46
C ASP G 112 1.00 14.27 11.78
N ASN G 113 0.14 13.56 12.51
CA ASN G 113 -0.56 12.39 12.01
C ASN G 113 -2.04 12.64 11.78
N ARG G 114 -2.48 13.90 11.80
CA ARG G 114 -3.88 14.26 11.56
C ARG G 114 -4.83 13.41 12.40
N THR G 115 -4.49 13.24 13.67
CA THR G 115 -5.31 12.53 14.62
C THR G 115 -5.87 13.50 15.66
N VAL G 116 -6.96 13.08 16.31
CA VAL G 116 -7.62 13.88 17.32
C VAL G 116 -7.81 13.02 18.55
N PHE G 117 -7.80 13.65 19.72
CA PHE G 117 -8.07 12.95 20.97
C PHE G 117 -9.56 12.70 21.09
N PHE G 118 -9.95 11.42 21.11
CA PHE G 118 -11.34 11.01 21.27
C PHE G 118 -11.41 9.93 22.34
N GLU G 119 -12.27 10.15 23.32
CA GLU G 119 -12.57 9.19 24.38
C GLU G 119 -11.38 8.31 24.73
N GLY G 120 -10.24 8.92 25.03
CA GLY G 120 -9.11 8.17 25.54
C GLY G 120 -7.86 8.21 24.70
N LYS G 121 -7.98 8.10 23.37
CA LYS G 121 -6.79 7.95 22.53
C LYS G 121 -6.93 8.79 21.28
N TYR G 122 -5.85 8.86 20.51
CA TYR G 122 -5.83 9.65 19.29
C TYR G 122 -6.18 8.78 18.09
N GLY G 123 -7.06 9.30 17.24
CA GLY G 123 -7.45 8.59 16.03
C GLY G 123 -7.79 9.57 14.93
N GLY G 124 -7.62 9.12 13.70
CA GLY G 124 -7.87 9.95 12.53
C GLY G 124 -9.35 10.04 12.19
N MET G 125 -9.60 10.45 10.94
CA MET G 125 -10.97 10.66 10.48
C MET G 125 -11.76 9.36 10.46
N GLU G 126 -11.11 8.24 10.13
CA GLU G 126 -11.83 6.98 10.02
C GLU G 126 -12.61 6.66 11.28
N LEU G 127 -12.13 7.11 12.44
CA LEU G 127 -12.81 6.87 13.70
C LEU G 127 -14.27 7.30 13.66
N PHE G 128 -14.61 8.31 12.86
CA PHE G 128 -15.95 8.88 12.83
C PHE G 128 -16.76 8.42 11.62
N ARG G 129 -16.30 7.37 10.93
CA ARG G 129 -17.00 6.88 9.74
C ARG G 129 -18.50 6.70 10.00
N ALA G 130 -18.86 6.18 11.17
CA ALA G 130 -20.25 5.85 11.45
C ALA G 130 -21.17 7.05 11.43
N LEU G 131 -20.64 8.28 11.48
CA LEU G 131 -21.50 9.46 11.49
C LEU G 131 -22.14 9.73 10.13
N GLY G 132 -21.64 9.12 9.06
CA GLY G 132 -22.23 9.33 7.75
C GLY G 132 -22.31 10.78 7.31
N CYS G 133 -21.37 11.61 7.75
CA CYS G 133 -21.28 13.02 7.34
C CYS G 133 -19.86 13.35 6.93
N SER G 134 -19.31 12.56 6.00
CA SER G 134 -17.90 12.66 5.66
C SER G 134 -17.48 14.08 5.31
N GLU G 135 -18.36 14.80 4.59
CA GLU G 135 -18.02 16.17 4.18
C GLU G 135 -17.80 17.06 5.40
N LEU G 136 -18.74 17.01 6.35
CA LEU G 136 -18.61 17.85 7.55
C LEU G 136 -17.39 17.46 8.37
N ILE G 137 -17.15 16.16 8.54
CA ILE G 137 -16.01 15.71 9.34
C ILE G 137 -14.71 16.20 8.70
N SER G 138 -14.59 16.04 7.38
CA SER G 138 -13.37 16.46 6.69
C SER G 138 -13.20 17.97 6.73
N SER G 139 -14.31 18.71 6.66
CA SER G 139 -14.21 20.17 6.75
C SER G 139 -13.74 20.60 8.14
N ILE G 140 -14.28 19.98 9.19
CA ILE G 140 -13.81 20.28 10.54
C ILE G 140 -12.34 19.94 10.68
N PHE G 141 -11.91 18.82 10.09
CA PHE G 141 -10.50 18.44 10.17
C PHE G 141 -9.61 19.44 9.44
N ASP G 142 -10.05 19.92 8.28
CA ASP G 142 -9.27 20.94 7.57
C ASP G 142 -9.18 22.23 8.37
N PHE G 143 -10.30 22.64 8.97
CA PHE G 143 -10.29 23.83 9.81
C PHE G 143 -9.32 23.67 10.97
N SER G 144 -9.37 22.53 11.65
CA SER G 144 -8.46 22.29 12.77
C SER G 144 -7.02 22.26 12.31
N HIS G 145 -6.76 21.69 11.13
CA HIS G 145 -5.40 21.67 10.60
C HIS G 145 -4.88 23.09 10.39
N SER G 146 -5.69 23.94 9.77
CA SER G 146 -5.26 25.31 9.52
C SER G 146 -5.02 26.05 10.84
N LEU G 147 -5.97 25.94 11.77
CA LEU G 147 -5.83 26.64 13.05
C LEU G 147 -4.59 26.17 13.79
N SER G 148 -4.28 24.87 13.71
CA SER G 148 -3.05 24.37 14.31
C SER G 148 -1.84 24.95 13.62
N ALA G 149 -1.88 25.05 12.28
CA ALA G 149 -0.78 25.64 11.55
C ALA G 149 -0.56 27.10 11.91
N LEU G 150 -1.55 27.76 12.50
CA LEU G 150 -1.32 29.10 13.02
C LEU G 150 -0.65 29.13 14.39
N HIS G 151 -0.52 27.98 15.06
CA HIS G 151 0.26 27.85 16.29
C HIS G 151 -0.17 28.87 17.35
N PHE G 152 -1.47 29.03 17.52
CA PHE G 152 -1.99 29.84 18.61
C PHE G 152 -1.49 29.31 19.95
N SER G 153 -1.15 30.23 20.86
CA SER G 153 -0.80 29.87 22.22
C SER G 153 -2.07 29.79 23.08
N GLU G 154 -1.89 29.49 24.37
CA GLU G 154 -3.04 29.39 25.25
C GLU G 154 -3.64 30.76 25.53
N ASP G 155 -2.79 31.76 25.82
CA ASP G 155 -3.28 33.11 26.07
C ASP G 155 -3.99 33.66 24.84
N GLU G 156 -3.43 33.42 23.66
CA GLU G 156 -4.06 33.90 22.43
C GLU G 156 -5.41 33.24 22.22
N ILE G 157 -5.51 31.94 22.50
CA ILE G 157 -6.81 31.25 22.40
C ILE G 157 -7.80 31.87 23.37
N ALA G 158 -7.36 32.11 24.62
CA ALA G 158 -8.27 32.69 25.60
C ALA G 158 -8.79 34.05 25.14
N LEU G 159 -7.88 34.93 24.70
CA LEU G 159 -8.28 36.28 24.30
C LEU G 159 -9.16 36.27 23.05
N TYR G 160 -8.78 35.46 22.05
CA TYR G 160 -9.57 35.39 20.83
C TYR G 160 -10.96 34.82 21.09
N THR G 161 -11.06 33.78 21.90
CA THR G 161 -12.38 33.21 22.19
C THR G 161 -13.22 34.19 23.00
N ALA G 162 -12.61 34.85 23.98
CA ALA G 162 -13.30 35.92 24.69
C ALA G 162 -13.89 36.93 23.72
N LEU G 163 -13.11 37.34 22.71
CA LEU G 163 -13.62 38.30 21.74
C LEU G 163 -14.69 37.70 20.84
N VAL G 164 -14.60 36.40 20.54
CA VAL G 164 -15.62 35.76 19.72
C VAL G 164 -16.96 35.76 20.45
N LEU G 165 -16.94 35.56 21.77
CA LEU G 165 -18.18 35.56 22.53
C LEU G 165 -18.73 36.97 22.69
N ILE G 166 -17.89 37.92 23.15
CA ILE G 166 -18.35 39.27 23.43
C ILE G 166 -18.35 40.07 22.13
N ASN G 167 -19.50 40.12 21.48
CA ASN G 167 -19.68 40.79 20.19
C ASN G 167 -20.94 41.63 20.26
N ALA G 168 -20.77 42.95 20.17
CA ALA G 168 -21.89 43.87 20.28
C ALA G 168 -22.72 43.98 19.01
N HIS G 169 -22.40 43.21 17.98
CA HIS G 169 -23.14 43.24 16.72
C HIS G 169 -24.17 42.11 16.60
N ARG G 170 -24.34 41.31 17.64
CA ARG G 170 -25.27 40.19 17.56
C ARG G 170 -26.71 40.71 17.48
N PRO G 171 -27.49 40.25 16.52
CA PRO G 171 -28.92 40.58 16.54
C PRO G 171 -29.58 40.08 17.81
N GLY G 172 -30.47 40.90 18.37
CA GLY G 172 -31.23 40.54 19.55
C GLY G 172 -30.74 41.18 20.84
N LEU G 173 -29.59 41.85 20.82
CA LEU G 173 -29.10 42.51 22.02
C LEU G 173 -29.99 43.69 22.38
N GLN G 174 -30.17 43.90 23.68
CA GLN G 174 -31.02 44.97 24.19
C GLN G 174 -30.26 46.11 24.84
N GLU G 175 -29.02 45.87 25.29
CA GLU G 175 -28.18 46.90 25.90
C GLU G 175 -26.82 46.80 25.22
N LYS G 176 -26.75 47.30 23.99
CA LYS G 176 -25.55 47.17 23.18
C LYS G 176 -24.37 47.96 23.74
N ARG G 177 -24.62 48.98 24.58
CA ARG G 177 -23.52 49.79 25.09
C ARG G 177 -22.60 48.99 25.99
N LYS G 178 -23.17 48.20 26.91
CA LYS G 178 -22.35 47.39 27.80
C LYS G 178 -21.51 46.40 27.01
N VAL G 179 -22.12 45.76 26.00
CA VAL G 179 -21.39 44.79 25.19
C VAL G 179 -20.28 45.49 24.41
N GLU G 180 -20.56 46.68 23.88
CA GLU G 180 -19.53 47.46 23.21
C GLU G 180 -18.36 47.73 24.15
N GLN G 181 -18.67 48.14 25.38
CA GLN G 181 -17.60 48.50 26.32
C GLN G 181 -16.74 47.28 26.64
N LEU G 182 -17.36 46.15 26.92
CA LEU G 182 -16.60 44.94 27.21
C LEU G 182 -15.76 44.52 26.00
N GLN G 183 -16.36 44.56 24.80
CA GLN G 183 -15.61 44.19 23.60
C GLN G 183 -14.42 45.12 23.38
N TYR G 184 -14.60 46.40 23.63
CA TYR G 184 -13.53 47.36 23.45
C TYR G 184 -12.38 47.10 24.43
N ASN G 185 -12.72 46.87 25.70
CA ASN G 185 -11.67 46.53 26.66
C ASN G 185 -10.92 45.27 26.24
N LEU G 186 -11.65 44.26 25.76
CA LEU G 186 -10.99 43.03 25.35
C LEU G 186 -10.09 43.25 24.13
N GLU G 187 -10.54 44.08 23.18
CA GLU G 187 -9.70 44.38 22.03
C GLU G 187 -8.43 45.10 22.47
N LEU G 188 -8.55 46.04 23.41
CA LEU G 188 -7.36 46.72 23.92
C LEU G 188 -6.39 45.73 24.55
N ALA G 189 -6.91 44.84 25.40
CA ALA G 189 -6.04 43.87 26.06
C ALA G 189 -5.36 42.96 25.03
N PHE G 190 -6.12 42.44 24.07
CA PHE G 190 -5.53 41.54 23.09
C PHE G 190 -4.51 42.26 22.22
N HIS G 191 -4.79 43.51 21.84
CA HIS G 191 -3.86 44.29 21.04
C HIS G 191 -2.56 44.52 21.80
N HIS G 192 -2.65 44.87 23.09
CA HIS G 192 -1.46 45.01 23.91
C HIS G 192 -0.66 43.70 23.93
N HIS G 193 -1.35 42.58 24.17
CA HIS G 193 -0.65 41.30 24.25
C HIS G 193 0.03 40.96 22.92
N LEU G 194 -0.63 41.27 21.80
CA LEU G 194 -0.04 40.96 20.50
C LEU G 194 1.16 41.84 20.21
N CYS G 195 1.08 43.13 20.58
CA CYS G 195 2.25 44.00 20.45
C CYS G 195 3.41 43.46 21.26
N LYS G 196 3.17 43.12 22.53
CA LYS G 196 4.24 42.66 23.40
C LYS G 196 4.95 41.43 22.82
N THR G 197 4.23 40.62 22.03
CA THR G 197 4.77 39.37 21.51
C THR G 197 4.97 39.39 20.00
N HIS G 198 4.80 40.54 19.35
CA HIS G 198 5.03 40.69 17.91
C HIS G 198 4.27 39.62 17.13
N ARG G 199 2.95 39.62 17.31
CA ARG G 199 2.06 38.67 16.65
C ARG G 199 0.82 39.36 16.10
N GLN G 200 0.97 40.64 15.69
CA GLN G 200 -0.19 41.43 15.32
C GLN G 200 -0.92 40.89 14.10
N SER G 201 -0.28 40.05 13.29
CA SER G 201 -0.82 39.65 12.00
C SER G 201 -1.46 38.26 12.02
N ILE G 202 -1.69 37.68 13.19
CA ILE G 202 -2.21 36.31 13.24
C ILE G 202 -3.72 36.29 12.99
N LEU G 203 -4.46 37.31 13.45
CA LEU G 203 -5.89 37.37 13.22
C LEU G 203 -6.26 37.67 11.77
N ALA G 204 -5.28 37.84 10.89
CA ALA G 204 -5.59 38.24 9.52
C ALA G 204 -5.94 37.05 8.63
N LYS G 205 -5.37 35.89 8.90
CA LYS G 205 -5.47 34.73 8.01
C LYS G 205 -6.18 33.56 8.68
N LEU G 206 -7.24 33.85 9.42
CA LEU G 206 -7.96 32.79 10.10
C LEU G 206 -8.94 32.11 9.14
N PRO G 207 -9.09 30.79 9.22
CA PRO G 207 -10.06 30.10 8.37
C PRO G 207 -11.47 30.28 8.90
N PRO G 208 -12.46 30.42 8.03
CA PRO G 208 -13.84 30.66 8.51
C PRO G 208 -14.33 29.52 9.38
N ALA G 209 -15.08 29.88 10.42
CA ALA G 209 -15.58 28.91 11.39
C ALA G 209 -17.09 28.98 11.61
N GLY G 210 -17.80 29.86 10.89
CA GLY G 210 -19.21 30.06 11.19
C GLY G 210 -20.09 28.92 10.72
N LYS G 211 -19.88 28.48 9.47
CA LYS G 211 -20.74 27.45 8.90
C LYS G 211 -20.57 26.11 9.61
N LEU G 212 -19.32 25.74 9.91
CA LEU G 212 -19.07 24.50 10.64
C LEU G 212 -19.71 24.53 12.02
N ALA G 213 -19.54 25.66 12.74
CA ALA G 213 -20.19 25.80 14.03
C ALA G 213 -21.69 25.68 13.91
N SER G 214 -22.28 26.32 12.89
CA SER G 214 -23.74 26.26 12.72
C SER G 214 -24.20 24.83 12.45
N LEU G 215 -23.46 24.09 11.63
CA LEU G 215 -23.85 22.71 11.35
C LEU G 215 -23.74 21.83 12.59
N CYS G 216 -22.68 22.03 13.39
CA CYS G 216 -22.58 21.28 14.64
C CYS G 216 -23.76 21.58 15.56
N SER G 217 -24.13 22.85 15.67
CA SER G 217 -25.29 23.21 16.48
C SER G 217 -26.55 22.56 15.93
N GLN G 218 -26.68 22.52 14.60
CA GLN G 218 -27.83 21.89 13.98
C GLN G 218 -27.92 20.41 14.35
N HIS G 219 -26.78 19.71 14.33
CA HIS G 219 -26.79 18.30 14.68
C HIS G 219 -27.17 18.10 16.16
N VAL G 220 -26.67 18.98 17.03
CA VAL G 220 -27.06 18.92 18.44
C VAL G 220 -28.57 19.07 18.58
N GLU G 221 -29.13 20.10 17.92
CA GLU G 221 -30.57 20.33 18.01
C GLU G 221 -31.35 19.16 17.42
N ARG G 222 -30.84 18.57 16.34
CA ARG G 222 -31.51 17.43 15.72
C ARG G 222 -31.59 16.28 16.71
N LEU G 223 -30.49 15.97 17.38
CA LEU G 223 -30.52 14.89 18.37
C LEU G 223 -31.45 15.23 19.53
N GLN G 224 -31.54 16.50 19.91
CA GLN G 224 -32.45 16.87 21.00
C GLN G 224 -33.91 16.68 20.60
N ILE G 225 -34.27 17.07 19.37
CA ILE G 225 -35.67 17.05 18.97
C ILE G 225 -36.20 15.62 18.89
N PHE G 226 -35.39 14.69 18.36
CA PHE G 226 -35.84 13.34 18.09
C PHE G 226 -35.39 12.35 19.16
N GLN G 227 -35.13 12.83 20.38
CA GLN G 227 -34.65 11.94 21.44
C GLN G 227 -35.67 10.86 21.78
N HIS G 228 -36.96 11.11 21.54
CA HIS G 228 -37.99 10.13 21.85
C HIS G 228 -38.10 9.04 20.80
N LEU G 229 -37.53 9.25 19.61
CA LEU G 229 -37.51 8.25 18.55
C LEU G 229 -36.29 7.34 18.62
N HIS G 230 -35.61 7.32 19.76
CA HIS G 230 -34.38 6.57 19.94
C HIS G 230 -34.30 6.12 21.37
N PRO G 231 -33.49 5.10 21.67
CA PRO G 231 -33.41 4.60 23.05
C PRO G 231 -32.86 5.65 24.00
N ILE G 232 -33.33 5.59 25.25
CA ILE G 232 -32.91 6.56 26.26
C ILE G 232 -31.45 6.31 26.64
N VAL G 233 -30.83 7.36 27.19
CA VAL G 233 -29.45 7.26 27.67
C VAL G 233 -29.33 7.95 29.02
N THR H 1 -27.02 29.31 18.23
CA THR H 1 -27.29 29.28 16.79
C THR H 1 -28.72 28.80 16.53
N ASN H 2 -29.32 28.14 17.52
CA ASN H 2 -30.69 27.65 17.40
C ASN H 2 -31.22 27.39 18.81
N MET H 3 -32.32 26.64 18.90
CA MET H 3 -33.02 26.49 20.18
C MET H 3 -32.39 25.43 21.07
N GLY H 4 -31.78 24.39 20.50
CA GLY H 4 -31.09 23.41 21.32
C GLY H 4 -29.94 24.03 22.09
N LEU H 5 -29.13 24.83 21.39
CA LEU H 5 -28.08 25.59 22.08
C LEU H 5 -28.68 26.52 23.12
N GLU H 6 -29.82 27.16 22.80
CA GLU H 6 -30.43 28.05 23.76
C GLU H 6 -30.82 27.31 25.04
N ALA H 7 -31.33 26.08 24.91
CA ALA H 7 -31.71 25.31 26.08
C ALA H 7 -30.49 24.91 26.89
N ILE H 8 -29.46 24.37 26.22
CA ILE H 8 -28.22 24.03 26.92
C ILE H 8 -27.70 25.24 27.69
N ILE H 9 -27.68 26.39 27.03
CA ILE H 9 -27.12 27.60 27.63
C ILE H 9 -27.98 28.06 28.80
N ARG H 10 -29.31 28.06 28.63
CA ARG H 10 -30.18 28.48 29.71
C ARG H 10 -30.00 27.61 30.94
N LYS H 11 -29.90 26.29 30.74
CA LYS H 11 -29.71 25.42 31.89
C LYS H 11 -28.35 25.67 32.54
N ALA H 12 -27.30 25.85 31.73
CA ALA H 12 -25.97 26.07 32.29
C ALA H 12 -25.88 27.41 33.02
N LEU H 13 -26.65 28.42 32.59
CA LEU H 13 -26.52 29.74 33.18
C LEU H 13 -27.14 29.80 34.57
N MET H 14 -28.23 29.06 34.78
CA MET H 14 -28.89 29.04 36.08
C MET H 14 -28.35 27.90 36.92
C4 YAL I . 10.37 -17.61 -19.65
C5 YAL I . 11.67 -17.41 -18.85
C6 YAL I . 10.93 -18.40 -23.33
N2 YAL I . 10.77 -17.89 -22.02
C7 YAL I . 10.30 -19.57 -23.77
C8 YAL I . 10.48 -20.04 -25.08
C9 YAL I . 11.28 -19.34 -25.98
C10 YAL I . 11.92 -18.17 -25.57
C11 YAL I . 11.74 -17.70 -24.26
C12 YAL I . 11.53 -16.37 -17.71
C13 YAL I . 11.27 -16.98 -16.34
C14 YAL I . 12.84 -17.02 -19.73
C17 YAL I . 14.68 -17.00 -20.96
C18 YAL I . 13.85 -17.85 -20.26
C19 YAL I . 13.89 -19.36 -20.04
C20 YAL I . 13.96 -20.01 -18.69
C21 YAL I . 15.17 -19.98 -19.56
C22 YAL I . 15.92 -17.32 -21.74
C23 YAL I . 16.11 -16.59 -23.09
C24 YAL I . 16.54 -17.95 -23.71
C25 YAL I . 15.77 -18.63 -22.56
C26 YAL I . 15.96 -18.36 -25.06
C27 YAL I . 16.83 -17.99 -26.27
C28 YAL I . 17.66 -16.71 -26.02
C29 YAL I . 15.87 -17.69 -27.44
C30 YAL I . 11.46 -19.86 -27.38
C31 YAL I . 10.53 -18.55 -20.84
C32 YAL I . 11.75 -16.14 -15.15
C35 YAL I . 17.77 -19.13 -26.68
N15 YAL I . 13.05 -15.74 -20.07
O16 YAL I . 14.18 -15.73 -20.84
O3 YAL I . 10.44 -19.77 -20.72
O33 YAL I . 11.92 -14.92 -15.44
O34 YAL I . 11.92 -16.75 -14.06
CL1 YAL I . 12.55 -16.24 -23.83
C4 YAL J . -17.74 -25.99 -22.09
C5 YAL J . -18.87 -26.34 -21.10
C6 YAL J . -18.87 -25.06 -25.62
N2 YAL J . -18.49 -25.63 -24.38
C7 YAL J . -18.30 -23.87 -26.09
C8 YAL J . -18.70 -23.32 -27.32
C9 YAL J . -19.65 -23.96 -28.12
C10 YAL J . -20.22 -25.15 -27.65
C11 YAL J . -19.83 -25.69 -26.43
C12 YAL J . -18.46 -27.45 -20.12
C13 YAL J . -19.00 -27.25 -18.69
C14 YAL J . -20.14 -26.69 -21.83
C17 YAL J . -22.11 -26.70 -22.84
C18 YAL J . -21.24 -25.85 -22.19
C19 YAL J . -21.29 -24.38 -21.83
C20 YAL J . -21.26 -23.88 -20.41
C21 YAL J . -22.53 -23.80 -21.18
C22 YAL J . -23.47 -26.45 -23.46
C23 YAL J . -23.86 -27.52 -24.51
C24 YAL J . -24.41 -26.38 -25.39
C25 YAL J . -23.46 -25.42 -24.61
C26 YAL J . -24.12 -26.38 -26.89
C27 YAL J . -25.03 -25.47 -27.75
C28 YAL J . -24.46 -25.31 -29.17
C29 YAL J . -25.09 -24.08 -27.09
C30 YAL J . -20.06 -23.36 -29.43
C31 YAL J . -18.15 -25.01 -23.19
C32 YAL J . -18.60 -28.34 -17.69
C35 YAL J . -26.46 -26.03 -27.83
N15 YAL J . -20.33 -27.94 -22.25
O16 YAL J . -21.56 -27.94 -22.87
O3 YAL J . -18.16 -23.80 -22.98
O33 YAL J . -18.61 -27.96 -16.48
O34 YAL J . -18.31 -29.48 -18.18
CL1 YAL J . -20.57 -27.18 -25.93
C4 YAL K . 18.97 27.38 16.37
C5 YAL K . 20.07 27.72 17.41
C6 YAL K . 19.97 26.30 12.83
N2 YAL K . 19.59 26.95 14.04
C7 YAL K . 19.43 25.08 12.45
C8 YAL K . 19.82 24.47 11.25
C9 YAL K . 20.76 25.07 10.42
C10 YAL K . 21.31 26.30 10.80
C11 YAL K . 20.92 26.91 12.00
C12 YAL K . 19.60 28.84 18.34
C13 YAL K . 20.54 29.13 19.53
C14 YAL K . 21.36 28.07 16.71
C17 YAL K . 23.35 28.02 15.75
C18 YAL K . 22.44 27.20 16.37
C19 YAL K . 22.42 25.73 16.69
C20 YAL K . 22.44 25.21 18.11
C21 YAL K . 23.67 25.09 17.27
C22 YAL K . 24.71 27.68 15.17
C23 YAL K . 25.05 28.34 13.81
C24 YAL K . 25.57 26.96 13.32
C25 YAL K . 24.68 26.33 14.42
C26 YAL K . 25.15 26.42 11.95
C27 YAL K . 26.11 26.65 10.76
C28 YAL K . 25.36 27.16 9.53
C29 YAL K . 26.72 25.27 10.41
C30 YAL K . 21.19 24.41 9.14
C31 YAL K . 19.40 26.39 15.29
C32 YAL K . 19.94 30.02 20.61
C35 YAL K . 27.27 27.60 11.09
N15 YAL K . 21.61 29.31 16.31
O16 YAL K . 22.85 29.29 15.72
O3 YAL K . 19.55 25.20 15.56
O33 YAL K . 19.68 31.19 20.24
O34 YAL K . 19.79 29.48 21.75
CL1 YAL K . 21.66 28.42 12.37
C4 YAL L . -11.51 16.33 22.74
C5 YAL L . -12.94 16.45 23.32
C6 YAL L . -11.48 16.69 18.92
N2 YAL L . -11.55 16.31 20.29
C7 YAL L . -10.80 17.84 18.50
C8 YAL L . -10.75 18.18 17.14
C9 YAL L . -11.36 17.40 16.18
C10 YAL L . -12.05 16.24 16.58
C11 YAL L . -12.10 15.90 17.93
C12 YAL L . -13.11 15.79 24.71
C13 YAL L . -12.37 14.48 24.94
C14 YAL L . -13.95 15.87 22.35
C17 YAL L . -15.56 15.59 20.86
C18 YAL L . -14.89 16.58 21.54
C19 YAL L . -14.99 18.09 21.55
C20 YAL L . -15.33 18.88 22.79
C21 YAL L . -16.36 18.70 21.73
C22 YAL L . -16.68 15.71 19.85
C23 YAL L . -16.61 14.79 18.62
C24 YAL L . -17.00 16.02 17.74
C25 YAL L . -16.45 16.90 18.89
C26 YAL L . -16.26 16.32 16.45
C27 YAL L . -16.83 15.64 15.18
C28 YAL L . -16.71 14.12 15.25
C29 YAL L . -15.95 16.13 14.00
C30 YAL L . -11.30 17.78 14.72
C31 YAL L . -11.35 17.08 21.42
C32 YAL L . -12.99 13.56 25.99
C35 YAL L . -18.28 16.04 14.91
N15 YAL L . -14.05 14.55 22.17
O16 YAL L . -15.06 14.38 21.25
O3 YAL L . -11.09 18.28 21.42
O33 YAL L . -13.97 12.87 25.56
O34 YAL L . -12.47 13.57 27.13
CL1 YAL L . -12.97 14.45 18.31
#